data_3SZA
#
_entry.id   3SZA
#
_cell.length_a   61.412
_cell.length_b   86.080
_cell.length_c   170.396
_cell.angle_alpha   90.000
_cell.angle_beta   90.000
_cell.angle_gamma   90.000
#
_symmetry.space_group_name_H-M   'P 21 21 21'
#
loop_
_entity.id
_entity.type
_entity.pdbx_description
1 polymer 'Aldehyde dehydrogenase, dimeric NADP-preferring'
2 non-polymer 'POTASSIUM ION'
3 non-polymer 'ACETATE ION'
4 water water
#
_entity_poly.entity_id   1
_entity_poly.type   'polypeptide(L)'
_entity_poly.pdbx_seq_one_letter_code
;HHHHHHSSGLVPRGSHMSKISEAVKRARAAFSSGRTRPLQFRIQQLEALQRLIQEQEQELVGALAADLHKNEWNAYYEEV
VYVLEEIEYMIQKLPEWAADEPVEKTPQTQQDELYIHSEPLGVVLVIGTWNYPFNLTIQPMVGAIAAGNAVVLKPSELSE
NMASLLATIIPQYLDKDLYPVINGGVPETTELLKERFDHILYTGSTGVGKIIMTAAAKHLTPVTLELGGKSPCYVDKNCD
LDVACRRIAWGKFMNSGQTCVAPDYILCDPSIQNQIVEKLKKSLKEFYGEDAKKSRDYGRIISARHFQRVMGLIEGQKVA
YGGTGDAATRYIAPTILTDVDPQSPVMQEEIFGPVLPIVCVRSLEEAIQFINQREKPLALYMFSSNDKVIKKMIAETSSG
GVAANDVIVHITLHSLPFGGVGNSGMGSYHGKKSFETFSHRRSCLVRPLMNDEGLKVRYPPSPAKMTQH
;
_entity_poly.pdbx_strand_id   A,B
#
loop_
_chem_comp.id
_chem_comp.type
_chem_comp.name
_chem_comp.formula
ACT non-polymer 'ACETATE ION' 'C2 H3 O2 -1'
K non-polymer 'POTASSIUM ION' 'K 1'
#
# COMPACT_ATOMS: atom_id res chain seq x y z
N SER A 18 -19.76 3.48 -24.49
CA SER A 18 -20.63 2.65 -23.64
C SER A 18 -21.13 3.44 -22.42
N LYS A 19 -22.21 2.96 -21.78
CA LYS A 19 -22.71 3.61 -20.58
C LYS A 19 -21.64 3.64 -19.49
N ILE A 20 -20.90 2.54 -19.37
CA ILE A 20 -19.82 2.48 -18.38
C ILE A 20 -18.71 3.49 -18.69
N SER A 21 -18.22 3.56 -19.94
CA SER A 21 -17.19 4.55 -20.27
C SER A 21 -17.69 5.96 -20.03
N GLU A 22 -18.94 6.24 -20.38
CA GLU A 22 -19.45 7.59 -20.19
C GLU A 22 -19.54 7.95 -18.71
N ALA A 23 -19.96 7.01 -17.88
CA ALA A 23 -20.05 7.30 -16.43
C ALA A 23 -18.66 7.59 -15.85
N VAL A 24 -17.67 6.81 -16.23
CA VAL A 24 -16.34 7.05 -15.71
C VAL A 24 -15.79 8.41 -16.23
N LYS A 25 -16.01 8.71 -17.52
CA LYS A 25 -15.58 9.96 -18.10
C LYS A 25 -16.20 11.16 -17.36
N ARG A 26 -17.49 11.05 -17.01
CA ARG A 26 -18.14 12.17 -16.31
C ARG A 26 -17.61 12.34 -14.88
N ALA A 27 -17.30 11.21 -14.24
CA ALA A 27 -16.71 11.29 -12.91
C ALA A 27 -15.32 11.93 -12.95
N ARG A 28 -14.51 11.53 -13.93
CA ARG A 28 -13.17 12.10 -14.06
C ARG A 28 -13.23 13.61 -14.38
N ALA A 29 -14.18 14.02 -15.24
CA ALA A 29 -14.26 15.43 -15.63
C ALA A 29 -14.70 16.24 -14.43
N ALA A 30 -15.64 15.69 -13.64
CA ALA A 30 -16.06 16.39 -12.45
C ALA A 30 -14.92 16.49 -11.43
N PHE A 31 -14.12 15.42 -11.29
CA PHE A 31 -13.01 15.52 -10.40
C PHE A 31 -11.99 16.58 -10.88
N SER A 32 -11.66 16.57 -12.18
CA SER A 32 -10.62 17.45 -12.70
C SER A 32 -11.01 18.91 -12.62
N SER A 33 -12.32 19.18 -12.57
CA SER A 33 -12.81 20.55 -12.35
C SER A 33 -12.45 21.16 -11.01
N GLY A 34 -12.05 20.36 -10.02
CA GLY A 34 -11.70 20.88 -8.71
C GLY A 34 -12.83 20.90 -7.67
N ARG A 35 -14.01 20.45 -8.09
CA ARG A 35 -15.21 20.47 -7.27
C ARG A 35 -15.05 19.85 -5.88
N THR A 36 -14.27 18.77 -5.79
CA THR A 36 -14.19 18.00 -4.55
C THR A 36 -13.08 18.50 -3.63
N ARG A 37 -12.28 19.46 -4.06
CA ARG A 37 -11.13 19.86 -3.27
C ARG A 37 -11.47 20.58 -1.97
N PRO A 38 -12.45 21.52 -1.98
CA PRO A 38 -12.78 22.14 -0.67
C PRO A 38 -13.39 21.13 0.28
N LEU A 39 -12.98 21.18 1.54
CA LEU A 39 -13.50 20.23 2.55
C LEU A 39 -15.01 20.41 2.70
N GLN A 40 -15.51 21.66 2.58
CA GLN A 40 -16.95 21.91 2.67
C GLN A 40 -17.76 21.04 1.69
N PHE A 41 -17.24 20.86 0.48
CA PHE A 41 -17.96 20.08 -0.49
C PHE A 41 -18.02 18.64 -0.04
N ARG A 42 -16.88 18.12 0.39
CA ARG A 42 -16.82 16.72 0.85
C ARG A 42 -17.77 16.48 2.03
N ILE A 43 -17.81 17.44 2.96
CA ILE A 43 -18.65 17.34 4.14
C ILE A 43 -20.13 17.41 3.72
N GLN A 44 -20.48 18.24 2.73
CA GLN A 44 -21.87 18.25 2.22
C GLN A 44 -22.26 16.89 1.67
N GLN A 45 -21.34 16.23 0.94
CA GLN A 45 -21.69 14.91 0.40
C GLN A 45 -21.79 13.85 1.51
N LEU A 46 -20.91 13.94 2.52
CA LEU A 46 -21.02 13.04 3.69
C LEU A 46 -22.35 13.24 4.46
N GLU A 47 -22.75 14.50 4.64
CA GLU A 47 -24.02 14.82 5.27
C GLU A 47 -25.20 14.31 4.45
N ALA A 48 -25.08 14.34 3.11
CA ALA A 48 -26.13 13.78 2.25
C ALA A 48 -26.23 12.25 2.45
N LEU A 49 -25.10 11.60 2.65
CA LEU A 49 -25.12 10.17 2.98
C LEU A 49 -25.77 9.89 4.32
N GLN A 50 -25.55 10.76 5.31
CA GLN A 50 -26.25 10.62 6.58
C GLN A 50 -27.75 10.73 6.38
N ARG A 51 -28.16 11.70 5.57
CA ARG A 51 -29.58 11.88 5.29
C ARG A 51 -30.15 10.65 4.55
N LEU A 52 -29.37 10.09 3.61
CA LEU A 52 -29.80 8.89 2.88
C LEU A 52 -30.08 7.78 3.88
N ILE A 53 -29.16 7.57 4.84
CA ILE A 53 -29.29 6.45 5.77
C ILE A 53 -30.52 6.63 6.68
N GLN A 54 -30.74 7.85 7.13
CA GLN A 54 -31.90 8.14 8.00
C GLN A 54 -33.20 8.02 7.21
N GLU A 55 -33.24 8.63 6.02
CA GLU A 55 -34.51 8.71 5.31
C GLU A 55 -34.88 7.39 4.62
N GLN A 56 -33.88 6.57 4.31
CA GLN A 56 -34.10 5.33 3.58
C GLN A 56 -33.96 4.14 4.51
N GLU A 57 -34.11 4.35 5.81
CA GLU A 57 -33.96 3.25 6.77
C GLU A 57 -34.79 2.02 6.41
N GLN A 58 -36.08 2.20 6.21
CA GLN A 58 -36.93 1.06 5.96
C GLN A 58 -36.66 0.37 4.64
N GLU A 59 -36.28 1.16 3.64
CA GLU A 59 -35.90 0.59 2.34
C GLU A 59 -34.63 -0.23 2.45
N LEU A 60 -33.67 0.25 3.22
CA LEU A 60 -32.44 -0.50 3.45
C LEU A 60 -32.77 -1.81 4.17
N VAL A 61 -33.61 -1.74 5.20
CA VAL A 61 -34.01 -2.97 5.90
C VAL A 61 -34.70 -3.93 4.92
N GLY A 62 -35.62 -3.43 4.10
CA GLY A 62 -36.36 -4.31 3.21
C GLY A 62 -35.44 -5.01 2.23
N ALA A 63 -34.44 -4.29 1.72
CA ALA A 63 -33.47 -4.89 0.80
C ALA A 63 -32.60 -5.95 1.48
N LEU A 64 -32.14 -5.65 2.71
CA LEU A 64 -31.31 -6.61 3.46
C LEU A 64 -32.16 -7.82 3.89
N ALA A 65 -33.43 -7.62 4.22
CA ALA A 65 -34.32 -8.76 4.50
C ALA A 65 -34.52 -9.61 3.26
N ALA A 66 -34.72 -8.99 2.09
CA ALA A 66 -34.95 -9.77 0.89
C ALA A 66 -33.69 -10.50 0.41
N ASP A 67 -32.53 -9.85 0.52
CA ASP A 67 -31.30 -10.49 0.07
C ASP A 67 -30.79 -11.58 1.01
N LEU A 68 -30.83 -11.31 2.33
CA LEU A 68 -30.07 -12.09 3.31
C LEU A 68 -30.87 -12.50 4.54
N HIS A 69 -32.18 -12.16 4.56
CA HIS A 69 -33.03 -12.53 5.70
C HIS A 69 -32.54 -11.86 6.97
N LYS A 70 -32.04 -10.62 6.82
CA LYS A 70 -31.82 -9.74 7.99
C LYS A 70 -33.16 -9.17 8.44
N ASN A 71 -33.13 -8.56 9.62
CA ASN A 71 -34.33 -7.89 10.18
C ASN A 71 -34.00 -6.46 10.51
N GLU A 72 -34.97 -5.72 11.00
CA GLU A 72 -34.79 -4.29 11.20
C GLU A 72 -33.70 -4.02 12.25
N TRP A 73 -33.52 -4.91 13.21
CA TRP A 73 -32.51 -4.68 14.27
C TRP A 73 -31.11 -4.99 13.73
N ASN A 74 -30.91 -6.20 13.17
CA ASN A 74 -29.54 -6.52 12.75
C ASN A 74 -29.10 -5.83 11.49
N ALA A 75 -30.03 -5.43 10.65
CA ALA A 75 -29.71 -4.55 9.52
C ALA A 75 -28.98 -3.31 10.01
N TYR A 76 -29.43 -2.73 11.13
CA TYR A 76 -28.82 -1.53 11.67
C TYR A 76 -27.60 -1.87 12.50
N TYR A 77 -27.77 -2.70 13.52
CA TYR A 77 -26.71 -2.88 14.52
C TYR A 77 -25.57 -3.84 14.11
N GLU A 78 -25.74 -4.57 13.01
CA GLU A 78 -24.66 -5.39 12.49
C GLU A 78 -24.13 -4.86 11.20
N GLU A 79 -24.64 -3.73 10.74
CA GLU A 79 -24.25 -3.25 9.42
C GLU A 79 -24.31 -1.72 9.22
N VAL A 80 -25.51 -1.16 9.19
CA VAL A 80 -25.67 0.24 8.78
C VAL A 80 -25.08 1.17 9.82
N VAL A 81 -25.15 0.80 11.09
CA VAL A 81 -24.65 1.70 12.16
C VAL A 81 -23.18 2.02 11.96
N TYR A 82 -22.40 1.05 11.48
CA TYR A 82 -20.96 1.29 11.29
C TYR A 82 -20.68 2.31 10.21
N VAL A 83 -21.53 2.37 9.19
CA VAL A 83 -21.40 3.40 8.16
C VAL A 83 -21.68 4.77 8.77
N LEU A 84 -22.75 4.87 9.56
CA LEU A 84 -23.06 6.15 10.21
C LEU A 84 -21.95 6.58 11.13
N GLU A 85 -21.38 5.65 11.89
CA GLU A 85 -20.31 5.99 12.84
C GLU A 85 -19.09 6.50 12.07
N GLU A 86 -18.78 5.88 10.95
CA GLU A 86 -17.66 6.30 10.14
C GLU A 86 -17.88 7.70 9.59
N ILE A 87 -19.08 7.98 9.10
CA ILE A 87 -19.35 9.31 8.57
C ILE A 87 -19.16 10.37 9.65
N GLU A 88 -19.72 10.14 10.81
CA GLU A 88 -19.66 11.16 11.88
C GLU A 88 -18.22 11.42 12.28
N TYR A 89 -17.44 10.35 12.38
CA TYR A 89 -16.04 10.48 12.80
C TYR A 89 -15.22 11.20 11.73
N MET A 90 -15.43 10.84 10.47
CA MET A 90 -14.70 11.48 9.39
C MET A 90 -15.02 12.97 9.23
N ILE A 91 -16.29 13.35 9.40
CA ILE A 91 -16.68 14.77 9.31
C ILE A 91 -15.93 15.52 10.41
N GLN A 92 -15.89 14.94 11.61
CA GLN A 92 -15.22 15.58 12.75
C GLN A 92 -13.72 15.74 12.53
N LYS A 93 -13.07 14.72 11.97
CA LYS A 93 -11.60 14.70 11.91
C LYS A 93 -11.04 15.23 10.62
N LEU A 94 -11.88 15.44 9.62
CA LEU A 94 -11.40 15.79 8.29
C LEU A 94 -10.46 17.00 8.25
N PRO A 95 -10.79 18.11 8.93
CA PRO A 95 -9.88 19.24 8.85
C PRO A 95 -8.48 18.89 9.41
N GLU A 96 -8.42 18.15 10.50
CA GLU A 96 -7.10 17.78 11.07
C GLU A 96 -6.35 16.81 10.11
N TRP A 97 -7.07 15.85 9.56
CA TRP A 97 -6.40 14.87 8.70
C TRP A 97 -5.91 15.47 7.42
N ALA A 98 -6.65 16.41 6.84
CA ALA A 98 -6.34 16.99 5.53
C ALA A 98 -5.24 18.07 5.62
N ALA A 99 -4.95 18.53 6.84
CA ALA A 99 -3.94 19.59 6.99
C ALA A 99 -2.56 19.07 6.59
N ASP A 100 -1.74 19.95 6.07
CA ASP A 100 -0.33 19.63 5.91
C ASP A 100 0.25 19.22 7.26
N GLU A 101 1.11 18.22 7.22
CA GLU A 101 1.65 17.62 8.43
C GLU A 101 3.15 17.88 8.49
N PRO A 102 3.61 18.82 9.34
CA PRO A 102 5.05 19.03 9.50
C PRO A 102 5.74 17.79 9.99
N VAL A 103 6.97 17.55 9.50
CA VAL A 103 7.76 16.40 9.94
C VAL A 103 9.09 16.86 10.53
N GLU A 104 9.83 15.92 11.09
CA GLU A 104 11.05 16.22 11.86
C GLU A 104 12.15 16.75 10.95
N LYS A 105 12.84 17.79 11.42
CA LYS A 105 13.92 18.40 10.67
C LYS A 105 15.27 17.84 11.13
N THR A 106 16.34 18.29 10.49
CA THR A 106 17.71 17.93 10.89
C THR A 106 18.47 19.23 11.08
N PRO A 107 19.72 19.18 11.60
CA PRO A 107 20.50 20.44 11.64
C PRO A 107 20.69 21.13 10.29
N GLN A 108 20.76 20.36 9.20
CA GLN A 108 20.97 20.92 7.86
C GLN A 108 19.71 21.56 7.26
N THR A 109 18.55 21.21 7.81
CA THR A 109 17.26 21.65 7.27
C THR A 109 16.48 22.55 8.24
N GLN A 110 17.19 23.17 9.19
CA GLN A 110 16.51 24.02 10.17
C GLN A 110 15.73 25.19 9.57
N GLN A 111 16.23 25.75 8.46
CA GLN A 111 15.57 26.91 7.84
C GLN A 111 14.59 26.49 6.75
N ASP A 112 14.37 25.19 6.64
CA ASP A 112 13.45 24.67 5.61
C ASP A 112 12.07 24.35 6.20
N GLU A 113 11.06 24.27 5.35
CA GLU A 113 9.78 23.68 5.76
C GLU A 113 9.79 22.24 5.22
N LEU A 114 9.46 21.28 6.08
CA LEU A 114 9.34 19.87 5.68
C LEU A 114 7.99 19.37 6.10
N TYR A 115 7.20 18.85 5.15
CA TYR A 115 5.83 18.42 5.53
C TYR A 115 5.28 17.43 4.53
N ILE A 116 4.25 16.69 4.98
CA ILE A 116 3.52 15.75 4.11
C ILE A 116 2.22 16.43 3.69
N HIS A 117 1.99 16.53 2.39
CA HIS A 117 0.76 17.12 1.85
C HIS A 117 -0.12 15.98 1.41
N SER A 118 -1.39 15.98 1.85
CA SER A 118 -2.34 14.96 1.38
C SER A 118 -3.17 15.49 0.25
N GLU A 119 -3.38 14.67 -0.76
CA GLU A 119 -4.21 15.08 -1.89
C GLU A 119 -4.97 13.87 -2.43
N PRO A 120 -6.10 14.08 -3.08
CA PRO A 120 -6.85 12.96 -3.62
C PRO A 120 -6.06 12.24 -4.71
N LEU A 121 -6.43 10.97 -4.90
CA LEU A 121 -5.91 10.21 -6.01
C LEU A 121 -6.58 10.51 -7.34
N GLY A 122 -7.89 10.76 -7.30
CA GLY A 122 -8.63 11.08 -8.53
C GLY A 122 -9.96 10.36 -8.52
N VAL A 123 -10.10 9.33 -9.36
CA VAL A 123 -11.33 8.53 -9.45
C VAL A 123 -11.05 7.17 -8.82
N VAL A 124 -11.72 6.88 -7.73
CA VAL A 124 -11.61 5.58 -7.01
C VAL A 124 -12.72 4.66 -7.42
N LEU A 125 -12.42 3.39 -7.65
CA LEU A 125 -13.47 2.39 -7.85
C LEU A 125 -13.63 1.55 -6.58
N VAL A 126 -14.85 1.42 -6.09
CA VAL A 126 -15.17 0.50 -5.00
C VAL A 126 -16.01 -0.64 -5.58
N ILE A 127 -15.52 -1.87 -5.50
CA ILE A 127 -16.26 -3.07 -5.89
C ILE A 127 -16.76 -3.70 -4.63
N GLY A 128 -18.08 -3.66 -4.48
CA GLY A 128 -18.74 -4.23 -3.32
C GLY A 128 -18.84 -5.74 -3.37
N THR A 129 -19.22 -6.30 -2.23
CA THR A 129 -19.54 -7.72 -2.14
C THR A 129 -20.95 -7.87 -1.57
N TRP A 130 -21.43 -9.11 -1.50
CA TRP A 130 -22.85 -9.37 -1.29
C TRP A 130 -23.24 -9.64 0.14
N ASN A 131 -22.27 -9.94 1.03
CA ASN A 131 -22.69 -10.44 2.35
C ASN A 131 -23.07 -9.34 3.35
N TYR A 132 -22.42 -8.18 3.18
CA TYR A 132 -22.81 -6.93 3.89
C TYR A 132 -22.87 -5.88 2.79
N PRO A 133 -23.94 -5.89 1.99
CA PRO A 133 -23.89 -5.18 0.71
C PRO A 133 -24.06 -3.68 0.89
N PHE A 134 -24.51 -3.23 2.06
CA PHE A 134 -24.51 -1.81 2.29
C PHE A 134 -23.18 -1.39 2.90
N ASN A 135 -22.76 -2.04 3.98
CA ASN A 135 -21.49 -1.64 4.59
C ASN A 135 -20.28 -1.74 3.65
N LEU A 136 -20.18 -2.82 2.88
CA LEU A 136 -18.97 -3.06 2.08
C LEU A 136 -18.98 -2.37 0.74
N THR A 137 -20.03 -1.62 0.46
CA THR A 137 -20.02 -0.65 -0.66
C THR A 137 -19.88 0.76 -0.11
N ILE A 138 -20.63 1.12 0.92
CA ILE A 138 -20.67 2.53 1.36
C ILE A 138 -19.61 2.90 2.36
N GLN A 139 -19.20 1.98 3.25
CA GLN A 139 -18.16 2.38 4.18
C GLN A 139 -16.83 2.74 3.46
N PRO A 140 -16.38 1.96 2.47
CA PRO A 140 -15.23 2.39 1.68
C PRO A 140 -15.46 3.71 0.96
N MET A 141 -16.67 3.88 0.41
CA MET A 141 -17.01 5.11 -0.29
C MET A 141 -16.88 6.32 0.64
N VAL A 142 -17.33 6.21 1.88
CA VAL A 142 -17.21 7.31 2.84
C VAL A 142 -15.77 7.81 2.93
N GLY A 143 -14.83 6.89 3.08
CA GLY A 143 -13.41 7.30 3.18
C GLY A 143 -12.89 7.91 1.87
N ALA A 144 -13.31 7.36 0.73
CA ALA A 144 -12.85 7.88 -0.54
C ALA A 144 -13.44 9.28 -0.83
N ILE A 145 -14.69 9.50 -0.39
CA ILE A 145 -15.32 10.85 -0.49
C ILE A 145 -14.55 11.83 0.41
N ALA A 146 -14.26 11.40 1.64
CA ALA A 146 -13.57 12.25 2.61
C ALA A 146 -12.20 12.66 2.11
N ALA A 147 -11.55 11.78 1.34
CA ALA A 147 -10.23 12.08 0.80
C ALA A 147 -10.28 12.94 -0.50
N GLY A 148 -11.49 13.30 -0.93
CA GLY A 148 -11.64 14.23 -2.09
C GLY A 148 -11.66 13.60 -3.46
N ASN A 149 -11.95 12.30 -3.51
CA ASN A 149 -12.01 11.63 -4.79
C ASN A 149 -13.41 11.59 -5.39
N ALA A 150 -13.49 11.38 -6.71
CA ALA A 150 -14.73 10.84 -7.29
C ALA A 150 -14.74 9.34 -6.91
N VAL A 151 -15.92 8.77 -6.81
CA VAL A 151 -16.00 7.37 -6.37
C VAL A 151 -17.04 6.64 -7.23
N VAL A 152 -16.61 5.68 -8.03
CA VAL A 152 -17.51 4.85 -8.82
C VAL A 152 -17.81 3.59 -8.03
N LEU A 153 -19.07 3.27 -7.89
CA LEU A 153 -19.46 2.10 -7.10
C LEU A 153 -19.94 0.97 -8.01
N LYS A 154 -19.46 -0.24 -7.73
CA LYS A 154 -19.98 -1.43 -8.41
C LYS A 154 -20.53 -2.38 -7.36
N PRO A 155 -21.82 -2.33 -7.09
CA PRO A 155 -22.42 -3.31 -6.15
C PRO A 155 -22.36 -4.72 -6.69
N SER A 156 -22.37 -5.69 -5.78
CA SER A 156 -22.52 -7.09 -6.20
C SER A 156 -23.93 -7.43 -6.64
N GLU A 157 -24.07 -8.06 -7.81
CA GLU A 157 -25.34 -8.52 -8.30
C GLU A 157 -25.95 -9.67 -7.48
N LEU A 158 -25.14 -10.37 -6.66
CA LEU A 158 -25.71 -11.44 -5.86
C LEU A 158 -26.68 -10.94 -4.80
N SER A 159 -26.47 -9.72 -4.29
CA SER A 159 -27.42 -9.07 -3.37
C SER A 159 -28.24 -8.13 -4.22
N GLU A 160 -29.17 -8.72 -4.97
CA GLU A 160 -29.84 -8.02 -6.05
C GLU A 160 -30.71 -6.87 -5.53
N ASN A 161 -31.36 -7.03 -4.38
CA ASN A 161 -32.22 -5.97 -3.90
C ASN A 161 -31.44 -4.75 -3.45
N MET A 162 -30.32 -4.98 -2.76
CA MET A 162 -29.51 -3.84 -2.36
C MET A 162 -28.87 -3.17 -3.55
N ALA A 163 -28.47 -3.96 -4.56
CA ALA A 163 -27.85 -3.36 -5.75
C ALA A 163 -28.83 -2.43 -6.46
N SER A 164 -30.06 -2.88 -6.64
CA SER A 164 -31.13 -2.07 -7.27
C SER A 164 -31.43 -0.82 -6.43
N LEU A 165 -31.47 -1.01 -5.12
CA LEU A 165 -31.80 0.09 -4.26
C LEU A 165 -30.74 1.18 -4.35
N LEU A 166 -29.48 0.79 -4.26
CA LEU A 166 -28.39 1.75 -4.26
C LEU A 166 -28.35 2.51 -5.60
N ALA A 167 -28.63 1.82 -6.71
CA ALA A 167 -28.68 2.51 -8.00
C ALA A 167 -29.72 3.62 -8.02
N THR A 168 -30.80 3.48 -7.25
CA THR A 168 -31.85 4.51 -7.20
C THR A 168 -31.44 5.60 -6.21
N ILE A 169 -31.04 5.21 -5.00
CA ILE A 169 -30.92 6.20 -3.93
C ILE A 169 -29.61 6.96 -3.91
N ILE A 170 -28.49 6.36 -4.33
CA ILE A 170 -27.27 7.14 -4.30
C ILE A 170 -27.36 8.45 -5.11
N PRO A 171 -27.82 8.38 -6.38
CA PRO A 171 -27.91 9.66 -7.16
C PRO A 171 -29.02 10.56 -6.64
N GLN A 172 -29.97 10.04 -5.88
CA GLN A 172 -30.98 10.90 -5.25
C GLN A 172 -30.38 11.84 -4.20
N TYR A 173 -29.27 11.44 -3.60
CA TYR A 173 -28.65 12.15 -2.49
C TYR A 173 -27.30 12.78 -2.79
N LEU A 174 -26.49 12.11 -3.62
CA LEU A 174 -25.11 12.52 -3.88
C LEU A 174 -24.95 13.14 -5.27
N ASP A 175 -23.84 13.85 -5.47
CA ASP A 175 -23.51 14.42 -6.78
C ASP A 175 -23.58 13.31 -7.86
N LYS A 176 -24.30 13.56 -8.94
CA LYS A 176 -24.64 12.50 -9.90
C LYS A 176 -23.47 12.18 -10.83
N ASP A 177 -22.58 13.13 -11.03
CA ASP A 177 -21.40 12.90 -11.89
C ASP A 177 -20.26 12.25 -11.09
N LEU A 178 -20.00 12.72 -9.88
CA LEU A 178 -18.85 12.25 -9.11
C LEU A 178 -19.01 10.85 -8.58
N TYR A 179 -20.24 10.41 -8.32
CA TYR A 179 -20.44 9.21 -7.52
C TYR A 179 -21.42 8.24 -8.16
N PRO A 180 -21.13 7.79 -9.40
CA PRO A 180 -22.08 6.94 -10.09
C PRO A 180 -22.07 5.50 -9.62
N VAL A 181 -23.19 4.84 -9.81
CA VAL A 181 -23.41 3.43 -9.51
C VAL A 181 -23.46 2.66 -10.84
N ILE A 182 -22.60 1.64 -10.98
CA ILE A 182 -22.54 0.83 -12.20
C ILE A 182 -23.29 -0.45 -11.95
N ASN A 183 -24.34 -0.68 -12.74
CA ASN A 183 -25.12 -1.91 -12.67
C ASN A 183 -24.48 -3.12 -13.38
N GLY A 184 -24.94 -4.31 -13.03
CA GLY A 184 -24.57 -5.51 -13.79
C GLY A 184 -23.78 -6.51 -12.96
N GLY A 185 -23.30 -7.52 -13.66
CA GLY A 185 -22.68 -8.67 -13.06
C GLY A 185 -21.24 -8.76 -13.47
N VAL A 186 -20.75 -9.99 -13.64
CA VAL A 186 -19.36 -10.20 -13.96
C VAL A 186 -18.91 -9.53 -15.30
N PRO A 187 -19.71 -9.64 -16.39
CA PRO A 187 -19.25 -8.99 -17.61
C PRO A 187 -19.14 -7.46 -17.46
N GLU A 188 -20.06 -6.85 -16.72
CA GLU A 188 -20.02 -5.42 -16.52
C GLU A 188 -18.83 -5.05 -15.64
N THR A 189 -18.51 -5.87 -14.65
CA THR A 189 -17.33 -5.57 -13.83
C THR A 189 -16.02 -5.68 -14.66
N THR A 190 -15.95 -6.68 -15.54
CA THR A 190 -14.81 -6.87 -16.43
C THR A 190 -14.64 -5.66 -17.34
N GLU A 191 -15.76 -5.16 -17.87
CA GLU A 191 -15.74 -3.99 -18.71
C GLU A 191 -15.30 -2.75 -17.91
N LEU A 192 -15.88 -2.60 -16.73
CA LEU A 192 -15.49 -1.53 -15.86
C LEU A 192 -13.99 -1.51 -15.49
N LEU A 193 -13.42 -2.70 -15.28
CA LEU A 193 -12.00 -2.82 -14.99
C LEU A 193 -11.05 -2.47 -16.14
N LYS A 194 -11.57 -2.26 -17.35
CA LYS A 194 -10.75 -1.70 -18.45
C LYS A 194 -10.58 -0.20 -18.37
N GLU A 195 -11.49 0.46 -17.62
CA GLU A 195 -11.40 1.88 -17.39
C GLU A 195 -10.24 2.26 -16.50
N ARG A 196 -9.77 3.48 -16.65
CA ARG A 196 -8.64 3.91 -15.85
C ARG A 196 -9.05 4.57 -14.55
N PHE A 197 -8.68 3.93 -13.44
CA PHE A 197 -8.92 4.49 -12.09
C PHE A 197 -7.63 4.84 -11.41
N ASP A 198 -7.74 5.64 -10.33
CA ASP A 198 -6.56 6.00 -9.56
C ASP A 198 -6.40 5.19 -8.28
N HIS A 199 -7.40 4.38 -7.95
CA HIS A 199 -7.31 3.39 -6.84
C HIS A 199 -8.48 2.48 -7.03
N ILE A 200 -8.30 1.20 -6.69
CA ILE A 200 -9.42 0.24 -6.66
C ILE A 200 -9.45 -0.42 -5.29
N LEU A 201 -10.62 -0.42 -4.64
CA LEU A 201 -10.82 -1.24 -3.44
C LEU A 201 -11.80 -2.34 -3.82
N TYR A 202 -11.38 -3.58 -3.55
CA TYR A 202 -12.18 -4.75 -3.79
C TYR A 202 -12.31 -5.57 -2.55
N THR A 203 -13.53 -5.96 -2.24
CA THR A 203 -13.80 -6.96 -1.21
C THR A 203 -14.39 -8.19 -1.87
N GLY A 204 -13.80 -9.35 -1.57
CA GLY A 204 -14.28 -10.59 -2.23
C GLY A 204 -13.32 -11.72 -2.06
N SER A 205 -13.24 -12.55 -3.09
CA SER A 205 -12.46 -13.79 -2.96
C SER A 205 -10.99 -13.57 -3.30
N THR A 206 -10.15 -14.46 -2.75
CA THR A 206 -8.72 -14.45 -3.08
C THR A 206 -8.50 -14.61 -4.59
N GLY A 207 -9.24 -15.53 -5.21
CA GLY A 207 -9.07 -15.74 -6.66
C GLY A 207 -9.44 -14.53 -7.51
N VAL A 208 -10.56 -13.90 -7.21
CA VAL A 208 -10.90 -12.68 -7.96
C VAL A 208 -9.96 -11.51 -7.64
N GLY A 209 -9.43 -11.46 -6.41
CA GLY A 209 -8.40 -10.50 -6.07
C GLY A 209 -7.24 -10.44 -7.06
N LYS A 210 -6.81 -11.63 -7.51
CA LYS A 210 -5.71 -11.72 -8.49
C LYS A 210 -6.11 -11.11 -9.83
N ILE A 211 -7.36 -11.33 -10.22
CA ILE A 211 -7.91 -10.75 -11.45
C ILE A 211 -7.97 -9.23 -11.34
N ILE A 212 -8.37 -8.72 -10.19
CA ILE A 212 -8.47 -7.28 -9.99
C ILE A 212 -7.08 -6.68 -10.07
N MET A 213 -6.11 -7.28 -9.37
CA MET A 213 -4.76 -6.75 -9.39
C MET A 213 -4.16 -6.78 -10.78
N THR A 214 -4.46 -7.83 -11.57
CA THR A 214 -3.98 -7.93 -12.95
C THR A 214 -4.57 -6.82 -13.81
N ALA A 215 -5.86 -6.53 -13.64
CA ALA A 215 -6.45 -5.41 -14.38
C ALA A 215 -5.86 -4.06 -13.98
N ALA A 216 -5.67 -3.90 -12.68
CA ALA A 216 -5.10 -2.68 -12.13
C ALA A 216 -3.70 -2.41 -12.68
N ALA A 217 -2.92 -3.49 -12.85
CA ALA A 217 -1.55 -3.34 -13.33
C ALA A 217 -1.48 -2.63 -14.68
N LYS A 218 -2.50 -2.82 -15.52
CA LYS A 218 -2.51 -2.20 -16.88
C LYS A 218 -2.48 -0.69 -16.85
N HIS A 219 -2.92 -0.10 -15.75
CA HIS A 219 -2.89 1.34 -15.58
C HIS A 219 -2.07 1.76 -14.36
N LEU A 220 -1.26 0.86 -13.80
CA LEU A 220 -0.51 1.14 -12.55
C LEU A 220 -1.42 1.72 -11.47
N THR A 221 -2.55 1.05 -11.30
CA THR A 221 -3.51 1.50 -10.29
C THR A 221 -3.29 0.79 -8.96
N PRO A 222 -3.07 1.52 -7.88
CA PRO A 222 -2.92 0.88 -6.60
C PRO A 222 -4.24 0.24 -6.16
N VAL A 223 -4.11 -0.82 -5.38
CA VAL A 223 -5.28 -1.58 -4.94
C VAL A 223 -5.30 -1.81 -3.44
N THR A 224 -6.52 -1.85 -2.91
CA THR A 224 -6.79 -2.38 -1.55
C THR A 224 -7.65 -3.61 -1.78
N LEU A 225 -7.16 -4.76 -1.35
CA LEU A 225 -7.82 -6.05 -1.59
C LEU A 225 -8.15 -6.63 -0.25
N GLU A 226 -9.43 -6.84 0.01
CA GLU A 226 -9.91 -7.40 1.24
C GLU A 226 -10.48 -8.78 0.87
N LEU A 227 -9.73 -9.83 1.15
CA LEU A 227 -9.97 -11.13 0.50
C LEU A 227 -10.34 -12.15 1.54
N GLY A 228 -10.01 -13.41 1.26
CA GLY A 228 -10.53 -14.49 2.09
C GLY A 228 -9.48 -15.37 2.72
N GLY A 229 -9.98 -16.50 3.21
CA GLY A 229 -9.19 -17.46 3.96
C GLY A 229 -10.08 -18.17 4.93
N LYS A 230 -9.47 -18.96 5.78
CA LYS A 230 -10.21 -19.61 6.85
C LYS A 230 -9.67 -19.07 8.19
N SER A 231 -10.45 -18.23 8.86
CA SER A 231 -9.97 -17.62 10.13
C SER A 231 -10.04 -18.66 11.24
N PRO A 232 -8.88 -19.06 11.79
CA PRO A 232 -8.92 -20.05 12.84
C PRO A 232 -9.37 -19.48 14.18
N CYS A 233 -9.92 -20.35 15.02
CA CYS A 233 -10.27 -19.99 16.38
C CYS A 233 -9.73 -21.04 17.36
N TYR A 234 -8.61 -20.71 17.99
CA TYR A 234 -7.97 -21.63 18.94
C TYR A 234 -8.62 -21.45 20.30
N VAL A 235 -9.07 -22.55 20.93
CA VAL A 235 -9.63 -22.43 22.27
C VAL A 235 -8.73 -23.20 23.23
N ASP A 236 -8.14 -22.48 24.18
CA ASP A 236 -7.21 -23.04 25.16
C ASP A 236 -7.94 -23.91 26.18
N LYS A 237 -7.21 -24.91 26.66
N LYS A 237 -7.22 -24.86 26.78
CA LYS A 237 -7.77 -26.02 27.42
CA LYS A 237 -7.75 -25.52 27.99
C LYS A 237 -8.41 -25.62 28.73
C LYS A 237 -7.78 -24.53 29.15
N ASN A 238 -7.83 -24.63 29.40
N ASN A 238 -8.39 -24.94 30.24
CA ASN A 238 -8.20 -24.29 30.79
CA ASN A 238 -8.41 -24.11 31.42
C ASN A 238 -8.97 -22.97 31.03
C ASN A 238 -9.01 -22.73 31.14
N CYS A 239 -9.67 -22.51 30.00
CA CYS A 239 -10.34 -21.22 29.90
C CYS A 239 -11.84 -21.38 30.16
N ASP A 240 -12.52 -20.27 30.43
CA ASP A 240 -13.95 -20.26 30.72
C ASP A 240 -14.75 -20.51 29.43
N LEU A 241 -15.17 -21.75 29.24
CA LEU A 241 -15.84 -22.12 28.00
C LEU A 241 -17.25 -21.59 27.89
N ASP A 242 -17.89 -21.26 29.00
CA ASP A 242 -19.22 -20.71 28.88
C ASP A 242 -19.15 -19.34 28.19
N VAL A 243 -18.20 -18.53 28.64
CA VAL A 243 -18.03 -17.22 28.05
C VAL A 243 -17.48 -17.38 26.64
N ALA A 244 -16.46 -18.20 26.45
CA ALA A 244 -15.88 -18.37 25.13
C ALA A 244 -16.89 -18.83 24.11
N CYS A 245 -17.64 -19.88 24.42
CA CYS A 245 -18.45 -20.46 23.36
C CYS A 245 -19.63 -19.59 22.97
N ARG A 246 -20.12 -18.76 23.89
CA ARG A 246 -21.20 -17.86 23.54
C ARG A 246 -20.66 -16.79 22.58
N ARG A 247 -19.44 -16.29 22.83
CA ARG A 247 -18.87 -15.29 21.92
C ARG A 247 -18.60 -15.90 20.56
N ILE A 248 -18.01 -17.11 20.53
CA ILE A 248 -17.74 -17.80 19.26
C ILE A 248 -19.04 -18.06 18.45
N ALA A 249 -20.07 -18.57 19.12
CA ALA A 249 -21.35 -18.84 18.44
C ALA A 249 -21.92 -17.55 17.87
N TRP A 250 -21.82 -16.43 18.60
CA TRP A 250 -22.36 -15.17 18.06
C TRP A 250 -21.68 -14.80 16.76
N GLY A 251 -20.34 -14.85 16.72
CA GLY A 251 -19.65 -14.44 15.52
C GLY A 251 -19.73 -15.41 14.37
N LYS A 252 -19.80 -16.71 14.72
CA LYS A 252 -19.90 -17.74 13.65
C LYS A 252 -21.25 -17.71 12.96
N PHE A 253 -22.30 -17.51 13.75
CA PHE A 253 -23.65 -17.74 13.21
C PHE A 253 -24.37 -16.48 12.84
N MET A 254 -23.85 -15.30 13.18
CA MET A 254 -24.45 -14.09 12.63
C MET A 254 -24.39 -14.15 11.08
N ASN A 255 -25.39 -13.54 10.45
CA ASN A 255 -25.49 -13.52 9.00
C ASN A 255 -25.38 -14.91 8.37
N SER A 256 -25.95 -15.89 9.09
CA SER A 256 -25.87 -17.31 8.69
C SER A 256 -24.43 -17.72 8.27
N GLY A 257 -23.45 -17.26 9.04
CA GLY A 257 -22.07 -17.66 8.80
C GLY A 257 -21.34 -16.92 7.69
N GLN A 258 -22.01 -15.97 7.03
CA GLN A 258 -21.48 -15.33 5.84
C GLN A 258 -20.77 -14.02 6.20
N THR A 259 -19.63 -14.15 6.89
CA THR A 259 -18.86 -13.00 7.31
C THR A 259 -17.39 -13.27 7.07
N CYS A 260 -16.71 -12.26 6.54
CA CYS A 260 -15.29 -12.42 6.17
C CYS A 260 -14.40 -12.75 7.35
N VAL A 261 -14.78 -12.29 8.53
CA VAL A 261 -13.99 -12.60 9.74
C VAL A 261 -14.75 -13.50 10.70
N ALA A 262 -15.73 -14.27 10.20
CA ALA A 262 -16.30 -15.30 11.04
C ALA A 262 -15.18 -16.21 11.53
N PRO A 263 -15.28 -16.70 12.78
CA PRO A 263 -14.40 -17.79 13.17
C PRO A 263 -14.77 -19.02 12.37
N ASP A 264 -13.91 -19.42 11.44
CA ASP A 264 -14.30 -20.41 10.42
C ASP A 264 -14.35 -21.80 11.02
N TYR A 265 -13.33 -22.13 11.82
CA TYR A 265 -13.19 -23.45 12.44
C TYR A 265 -12.53 -23.29 13.80
N ILE A 266 -12.73 -24.27 14.65
CA ILE A 266 -12.10 -24.32 15.97
C ILE A 266 -10.95 -25.29 16.02
N LEU A 267 -9.87 -24.87 16.70
CA LEU A 267 -8.78 -25.78 17.06
C LEU A 267 -8.82 -25.93 18.57
N CYS A 268 -8.84 -27.16 19.09
CA CYS A 268 -8.84 -27.33 20.56
C CYS A 268 -8.24 -28.68 20.92
N ASP A 269 -7.88 -28.79 22.19
CA ASP A 269 -7.45 -30.07 22.74
C ASP A 269 -8.62 -31.06 22.68
N PRO A 270 -8.31 -32.34 22.43
CA PRO A 270 -9.43 -33.30 22.42
C PRO A 270 -10.17 -33.36 23.74
N SER A 271 -9.52 -33.01 24.85
CA SER A 271 -10.17 -33.12 26.15
C SER A 271 -11.34 -32.14 26.37
N ILE A 272 -11.44 -31.09 25.53
CA ILE A 272 -12.52 -30.11 25.73
C ILE A 272 -13.49 -30.10 24.56
N GLN A 273 -13.32 -31.00 23.61
CA GLN A 273 -14.24 -31.03 22.44
C GLN A 273 -15.71 -31.16 22.81
N ASN A 274 -16.03 -32.09 23.69
CA ASN A 274 -17.41 -32.25 24.01
C ASN A 274 -17.98 -31.10 24.82
N GLN A 275 -17.15 -30.47 25.67
CA GLN A 275 -17.60 -29.30 26.41
C GLN A 275 -17.90 -28.14 25.46
N ILE A 276 -17.05 -27.99 24.44
CA ILE A 276 -17.30 -26.95 23.43
C ILE A 276 -18.61 -27.22 22.68
N VAL A 277 -18.84 -28.48 22.29
CA VAL A 277 -20.08 -28.79 21.58
C VAL A 277 -21.27 -28.44 22.47
N GLU A 278 -21.20 -28.82 23.76
CA GLU A 278 -22.34 -28.61 24.64
C GLU A 278 -22.62 -27.12 24.85
N LYS A 279 -21.57 -26.33 25.02
CA LYS A 279 -21.77 -24.90 25.26
C LYS A 279 -22.19 -24.12 24.02
N LEU A 280 -21.64 -24.49 22.87
CA LEU A 280 -22.14 -23.92 21.61
C LEU A 280 -23.62 -24.23 21.41
N LYS A 281 -24.03 -25.48 21.67
CA LYS A 281 -25.46 -25.86 21.53
C LYS A 281 -26.32 -25.02 22.48
N LYS A 282 -25.87 -24.87 23.71
CA LYS A 282 -26.63 -24.06 24.68
C LYS A 282 -26.82 -22.63 24.19
N SER A 283 -25.75 -22.06 23.66
CA SER A 283 -25.84 -20.69 23.17
C SER A 283 -26.74 -20.58 21.96
N LEU A 284 -26.59 -21.51 21.01
CA LEU A 284 -27.44 -21.49 19.83
C LEU A 284 -28.92 -21.57 20.16
N LYS A 285 -29.27 -22.40 21.16
CA LYS A 285 -30.69 -22.50 21.55
C LYS A 285 -31.17 -21.19 22.20
N GLU A 286 -30.32 -20.56 23.02
CA GLU A 286 -30.61 -19.25 23.59
C GLU A 286 -30.82 -18.25 22.47
N PHE A 287 -29.93 -18.25 21.49
CA PHE A 287 -29.98 -17.27 20.40
C PHE A 287 -31.19 -17.43 19.50
N TYR A 288 -31.45 -18.65 19.06
CA TYR A 288 -32.35 -18.89 17.93
C TYR A 288 -33.48 -19.86 18.21
N GLY A 289 -33.56 -20.34 19.45
CA GLY A 289 -34.62 -21.32 19.78
C GLY A 289 -34.33 -22.75 19.35
N GLU A 290 -35.32 -23.63 19.52
CA GLU A 290 -35.16 -25.02 19.15
C GLU A 290 -35.08 -25.26 17.64
N ASP A 291 -35.81 -24.43 16.90
CA ASP A 291 -35.84 -24.51 15.47
C ASP A 291 -35.44 -23.14 14.93
N ALA A 292 -34.20 -23.04 14.52
CA ALA A 292 -33.67 -21.74 14.08
C ALA A 292 -34.36 -21.22 12.85
N LYS A 293 -35.04 -22.09 12.08
CA LYS A 293 -35.80 -21.63 10.91
C LYS A 293 -36.91 -20.67 11.31
N LYS A 294 -37.38 -20.77 12.55
CA LYS A 294 -38.44 -19.85 13.03
C LYS A 294 -37.93 -18.62 13.71
N SER A 295 -36.60 -18.44 13.82
CA SER A 295 -36.05 -17.26 14.51
C SER A 295 -35.96 -16.08 13.57
N ARG A 296 -36.49 -14.94 14.00
CA ARG A 296 -36.38 -13.74 13.20
C ARG A 296 -34.93 -13.23 13.05
N ASP A 297 -34.07 -13.74 13.92
CA ASP A 297 -32.65 -13.28 13.98
C ASP A 297 -31.67 -14.11 13.22
N TYR A 298 -32.14 -15.20 12.58
CA TYR A 298 -31.24 -16.11 11.88
C TYR A 298 -31.36 -15.83 10.40
N GLY A 299 -30.23 -15.80 9.68
CA GLY A 299 -30.18 -15.45 8.29
C GLY A 299 -30.44 -16.62 7.35
N ARG A 300 -30.23 -16.31 6.08
CA ARG A 300 -30.34 -17.31 4.99
C ARG A 300 -29.18 -17.19 4.05
N ILE A 301 -28.85 -18.29 3.40
CA ILE A 301 -27.72 -18.27 2.42
C ILE A 301 -28.10 -17.41 1.21
N ILE A 302 -27.12 -16.70 0.66
CA ILE A 302 -27.39 -15.71 -0.41
C ILE A 302 -27.99 -16.28 -1.71
N SER A 303 -27.57 -17.48 -2.10
CA SER A 303 -27.89 -18.00 -3.46
C SER A 303 -27.98 -19.51 -3.44
N ALA A 304 -28.65 -20.08 -4.44
CA ALA A 304 -28.75 -21.52 -4.55
C ALA A 304 -27.37 -22.16 -4.69
N ARG A 305 -26.48 -21.54 -5.47
CA ARG A 305 -25.13 -22.11 -5.65
C ARG A 305 -24.44 -22.23 -4.29
N HIS A 306 -24.52 -21.18 -3.48
CA HIS A 306 -23.87 -21.23 -2.18
C HIS A 306 -24.56 -22.16 -1.22
N PHE A 307 -25.90 -22.26 -1.28
CA PHE A 307 -26.61 -23.24 -0.48
C PHE A 307 -26.12 -24.66 -0.78
N GLN A 308 -25.99 -24.99 -2.06
CA GLN A 308 -25.57 -26.31 -2.40
C GLN A 308 -24.12 -26.56 -2.00
N ARG A 309 -23.30 -25.54 -2.14
CA ARG A 309 -21.92 -25.64 -1.74
C ARG A 309 -21.76 -25.95 -0.25
N VAL A 310 -22.45 -25.17 0.59
CA VAL A 310 -22.30 -25.36 2.00
C VAL A 310 -22.88 -26.72 2.44
N MET A 311 -24.06 -27.07 1.94
CA MET A 311 -24.64 -28.36 2.26
C MET A 311 -23.68 -29.48 1.83
N GLY A 312 -23.00 -29.31 0.70
CA GLY A 312 -22.03 -30.33 0.29
C GLY A 312 -20.89 -30.51 1.31
N LEU A 313 -20.53 -29.43 2.01
CA LEU A 313 -19.47 -29.49 3.02
C LEU A 313 -19.84 -30.31 4.26
N ILE A 314 -21.13 -30.48 4.51
CA ILE A 314 -21.61 -31.31 5.63
C ILE A 314 -21.54 -32.80 5.26
N GLU A 315 -21.62 -33.13 3.96
CA GLU A 315 -21.59 -34.54 3.56
C GLU A 315 -20.30 -35.19 4.00
N GLY A 316 -20.41 -36.42 4.53
CA GLY A 316 -19.21 -37.12 4.97
C GLY A 316 -18.74 -36.77 6.38
N GLN A 317 -19.41 -35.80 7.00
CA GLN A 317 -19.01 -35.31 8.32
C GLN A 317 -19.89 -35.83 9.43
N LYS A 318 -19.37 -35.85 10.66
CA LYS A 318 -20.14 -36.22 11.83
C LYS A 318 -20.82 -34.99 12.38
N VAL A 319 -22.13 -35.00 12.38
CA VAL A 319 -22.96 -33.87 12.78
C VAL A 319 -23.30 -33.99 14.26
N ALA A 320 -22.76 -33.08 15.07
CA ALA A 320 -23.11 -33.03 16.51
C ALA A 320 -24.34 -32.22 16.79
N TYR A 321 -24.71 -31.35 15.84
CA TYR A 321 -25.89 -30.51 16.01
C TYR A 321 -26.22 -30.00 14.62
N GLY A 322 -27.51 -29.90 14.32
CA GLY A 322 -27.92 -29.32 13.05
C GLY A 322 -27.82 -30.31 11.90
N GLY A 323 -27.27 -29.83 10.79
CA GLY A 323 -27.01 -30.71 9.63
C GLY A 323 -28.08 -30.76 8.56
N THR A 324 -29.17 -30.02 8.77
CA THR A 324 -30.29 -30.07 7.82
C THR A 324 -30.47 -28.72 7.16
N GLY A 325 -31.13 -28.73 6.00
CA GLY A 325 -31.36 -27.49 5.29
C GLY A 325 -32.68 -27.53 4.55
N ASP A 326 -33.08 -26.35 4.05
CA ASP A 326 -34.27 -26.22 3.19
C ASP A 326 -33.81 -25.49 1.93
N ALA A 327 -33.73 -26.19 0.79
CA ALA A 327 -33.23 -25.59 -0.43
C ALA A 327 -34.09 -24.44 -0.92
N ALA A 328 -35.41 -24.55 -0.78
CA ALA A 328 -36.27 -23.51 -1.37
C ALA A 328 -36.09 -22.13 -0.75
N THR A 329 -35.83 -22.07 0.56
CA THR A 329 -35.61 -20.77 1.19
C THR A 329 -34.18 -20.60 1.64
N ARG A 330 -33.32 -21.57 1.29
CA ARG A 330 -31.85 -21.43 1.53
C ARG A 330 -31.52 -21.32 3.03
N TYR A 331 -32.25 -22.08 3.85
CA TYR A 331 -31.99 -22.19 5.27
C TYR A 331 -31.04 -23.34 5.48
N ILE A 332 -29.97 -23.09 6.26
CA ILE A 332 -29.11 -24.19 6.72
C ILE A 332 -29.14 -24.09 8.23
N ALA A 333 -29.53 -25.14 8.91
CA ALA A 333 -29.58 -25.12 10.38
C ALA A 333 -28.18 -24.92 10.95
N PRO A 334 -28.09 -24.22 12.08
CA PRO A 334 -26.74 -24.07 12.69
C PRO A 334 -26.12 -25.45 12.99
N THR A 335 -24.89 -25.67 12.51
CA THR A 335 -24.39 -27.05 12.41
C THR A 335 -23.01 -27.07 13.07
N ILE A 336 -22.77 -28.09 13.89
CA ILE A 336 -21.45 -28.29 14.51
C ILE A 336 -20.98 -29.66 14.09
N LEU A 337 -19.71 -29.72 13.66
CA LEU A 337 -19.07 -30.97 13.21
C LEU A 337 -17.93 -31.31 14.12
N THR A 338 -17.83 -32.58 14.50
CA THR A 338 -16.79 -33.02 15.43
C THR A 338 -15.72 -33.90 14.76
N ASP A 339 -14.56 -33.96 15.40
CA ASP A 339 -13.43 -34.78 14.96
C ASP A 339 -13.18 -34.65 13.49
N VAL A 340 -13.06 -33.40 13.03
CA VAL A 340 -13.03 -33.16 11.58
C VAL A 340 -11.62 -33.45 11.04
N ASP A 341 -11.58 -34.15 9.92
CA ASP A 341 -10.35 -34.42 9.23
C ASP A 341 -9.91 -33.13 8.51
N PRO A 342 -8.69 -32.61 8.80
CA PRO A 342 -8.28 -31.37 8.13
C PRO A 342 -8.15 -31.47 6.63
N GLN A 343 -8.09 -32.69 6.08
CA GLN A 343 -7.99 -32.85 4.65
C GLN A 343 -9.33 -32.88 3.95
N SER A 344 -10.41 -32.88 4.74
CA SER A 344 -11.75 -33.01 4.13
C SER A 344 -12.28 -31.69 3.58
N PRO A 345 -13.34 -31.72 2.79
CA PRO A 345 -13.67 -30.47 2.07
C PRO A 345 -14.00 -29.29 2.97
N VAL A 346 -14.69 -29.53 4.09
CA VAL A 346 -15.05 -28.41 4.99
C VAL A 346 -13.81 -27.75 5.58
N MET A 347 -12.66 -28.45 5.54
CA MET A 347 -11.44 -27.88 6.06
C MET A 347 -10.47 -27.46 4.93
N GLN A 348 -10.97 -27.43 3.67
CA GLN A 348 -10.14 -27.06 2.53
C GLN A 348 -10.66 -25.87 1.73
N GLU A 349 -11.73 -25.25 2.22
CA GLU A 349 -12.22 -24.01 1.62
C GLU A 349 -12.85 -23.14 2.70
N GLU A 350 -12.93 -21.83 2.44
CA GLU A 350 -13.64 -20.91 3.34
C GLU A 350 -15.11 -21.33 3.39
N ILE A 351 -15.63 -21.56 4.57
CA ILE A 351 -16.98 -22.14 4.66
C ILE A 351 -18.08 -21.14 4.28
N PHE A 352 -17.99 -19.93 4.85
CA PHE A 352 -18.97 -18.88 4.59
C PHE A 352 -20.40 -19.40 4.76
N GLY A 353 -20.62 -20.10 5.87
CA GLY A 353 -21.96 -20.59 6.18
C GLY A 353 -21.97 -21.15 7.56
N PRO A 354 -23.14 -21.62 8.01
CA PRO A 354 -23.32 -21.89 9.44
C PRO A 354 -22.99 -23.31 9.79
N VAL A 355 -21.73 -23.64 9.49
CA VAL A 355 -21.19 -24.99 9.68
C VAL A 355 -19.85 -24.80 10.35
N LEU A 356 -19.75 -25.25 11.60
CA LEU A 356 -18.56 -25.02 12.45
C LEU A 356 -17.83 -26.34 12.76
N PRO A 357 -16.71 -26.58 12.05
CA PRO A 357 -15.93 -27.80 12.32
C PRO A 357 -14.98 -27.62 13.49
N ILE A 358 -14.81 -28.69 14.24
CA ILE A 358 -13.88 -28.73 15.37
C ILE A 358 -12.76 -29.70 15.01
N VAL A 359 -11.55 -29.18 15.01
CA VAL A 359 -10.32 -29.95 14.68
C VAL A 359 -9.47 -30.05 15.93
N CYS A 360 -9.14 -31.28 16.31
CA CYS A 360 -8.38 -31.54 17.53
C CYS A 360 -6.89 -31.33 17.31
N VAL A 361 -6.25 -30.64 18.25
CA VAL A 361 -4.78 -30.52 18.27
C VAL A 361 -4.31 -30.80 19.69
N ARG A 362 -3.08 -31.27 19.81
CA ARG A 362 -2.62 -31.75 21.10
C ARG A 362 -1.82 -30.77 21.90
N SER A 363 -1.53 -29.59 21.34
CA SER A 363 -0.80 -28.57 22.06
C SER A 363 -0.94 -27.24 21.33
N LEU A 364 -0.59 -26.16 22.03
CA LEU A 364 -0.48 -24.85 21.43
C LEU A 364 0.54 -24.86 20.28
N GLU A 365 1.67 -25.55 20.46
CA GLU A 365 2.67 -25.61 19.41
C GLU A 365 2.09 -26.24 18.14
N GLU A 366 1.30 -27.31 18.29
CA GLU A 366 0.70 -27.95 17.12
C GLU A 366 -0.33 -27.01 16.45
N ALA A 367 -1.07 -26.30 17.28
CA ALA A 367 -2.01 -25.29 16.73
C ALA A 367 -1.29 -24.23 15.90
N ILE A 368 -0.21 -23.68 16.44
CA ILE A 368 0.59 -22.70 15.71
C ILE A 368 1.12 -23.29 14.38
N GLN A 369 1.64 -24.51 14.42
CA GLN A 369 2.12 -25.16 13.20
C GLN A 369 0.99 -25.31 12.16
N PHE A 370 -0.17 -25.73 12.66
CA PHE A 370 -1.35 -25.94 11.82
C PHE A 370 -1.72 -24.65 11.09
N ILE A 371 -1.79 -23.56 11.84
CA ILE A 371 -2.12 -22.25 11.27
C ILE A 371 -1.07 -21.78 10.26
N ASN A 372 0.21 -21.95 10.61
CA ASN A 372 1.27 -21.46 9.75
C ASN A 372 1.43 -22.27 8.46
N GLN A 373 0.97 -23.52 8.44
CA GLN A 373 1.10 -24.37 7.24
C GLN A 373 0.06 -23.97 6.21
N ARG A 374 -0.97 -23.25 6.62
CA ARG A 374 -2.02 -22.80 5.74
C ARG A 374 -1.77 -21.36 5.33
N GLU A 375 -2.59 -20.85 4.42
CA GLU A 375 -2.47 -19.47 3.98
C GLU A 375 -2.86 -18.48 5.08
N LYS A 376 -2.29 -17.28 5.03
CA LYS A 376 -2.52 -16.30 6.10
C LYS A 376 -3.98 -15.80 6.14
N PRO A 377 -4.63 -15.96 7.29
CA PRO A 377 -6.09 -15.68 7.34
C PRO A 377 -6.35 -14.21 7.57
N LEU A 378 -7.54 -13.77 7.21
CA LEU A 378 -7.91 -12.39 7.41
C LEU A 378 -7.93 -12.06 8.92
N ALA A 379 -8.45 -12.99 9.72
CA ALA A 379 -8.45 -12.85 11.20
C ALA A 379 -7.93 -14.12 11.82
N LEU A 380 -7.32 -13.98 12.99
CA LEU A 380 -6.99 -15.12 13.83
C LEU A 380 -7.58 -14.86 15.19
N TYR A 381 -8.23 -15.87 15.77
CA TYR A 381 -8.84 -15.74 17.09
C TYR A 381 -8.29 -16.75 18.04
N MET A 382 -8.20 -16.35 19.30
CA MET A 382 -7.75 -17.26 20.36
C MET A 382 -8.51 -16.92 21.62
N PHE A 383 -8.93 -17.96 22.32
CA PHE A 383 -9.60 -17.81 23.62
C PHE A 383 -8.74 -18.47 24.68
N SER A 384 -8.30 -17.65 25.65
CA SER A 384 -7.41 -18.13 26.70
C SER A 384 -7.46 -17.15 27.82
N SER A 385 -7.27 -17.66 29.04
CA SER A 385 -7.08 -16.75 30.18
C SER A 385 -5.61 -16.55 30.52
N ASN A 386 -4.72 -17.02 29.65
CA ASN A 386 -3.27 -17.00 29.88
C ASN A 386 -2.66 -15.99 28.90
N ASP A 387 -2.13 -14.91 29.45
CA ASP A 387 -1.59 -13.82 28.65
C ASP A 387 -0.43 -14.27 27.81
N LYS A 388 0.36 -15.19 28.35
CA LYS A 388 1.52 -15.71 27.64
C LYS A 388 1.18 -16.55 26.43
N VAL A 389 0.07 -17.29 26.52
CA VAL A 389 -0.40 -18.08 25.40
C VAL A 389 -0.81 -17.15 24.27
N ILE A 390 -1.57 -16.11 24.62
CA ILE A 390 -2.04 -15.16 23.63
C ILE A 390 -0.82 -14.49 22.95
N LYS A 391 0.15 -14.03 23.74
CA LYS A 391 1.31 -13.35 23.15
C LYS A 391 2.13 -14.27 22.26
N LYS A 392 2.27 -15.56 22.65
CA LYS A 392 3.03 -16.51 21.88
C LYS A 392 2.37 -16.82 20.56
N MET A 393 1.06 -17.08 20.59
CA MET A 393 0.37 -17.37 19.35
C MET A 393 0.48 -16.17 18.38
N ILE A 394 0.25 -14.95 18.88
CA ILE A 394 0.43 -13.77 18.01
C ILE A 394 1.85 -13.69 17.45
N ALA A 395 2.85 -13.87 18.31
CA ALA A 395 4.22 -13.70 17.88
C ALA A 395 4.65 -14.67 16.83
N GLU A 396 4.04 -15.87 16.85
CA GLU A 396 4.50 -16.96 15.99
C GLU A 396 3.68 -17.20 14.74
N THR A 397 2.59 -16.44 14.60
CA THR A 397 1.70 -16.59 13.41
C THR A 397 1.64 -15.26 12.66
N SER A 398 0.92 -15.26 11.55
CA SER A 398 0.62 -14.01 10.81
C SER A 398 -0.79 -14.07 10.33
N SER A 399 -1.51 -12.96 10.46
CA SER A 399 -2.90 -12.86 10.00
C SER A 399 -3.17 -11.39 9.75
N GLY A 400 -4.28 -11.11 9.10
CA GLY A 400 -4.63 -9.69 8.85
C GLY A 400 -4.73 -8.95 10.17
N GLY A 401 -5.63 -9.43 11.02
CA GLY A 401 -5.83 -8.89 12.38
C GLY A 401 -6.05 -10.02 13.35
N VAL A 402 -6.16 -9.67 14.65
CA VAL A 402 -6.32 -10.66 15.73
C VAL A 402 -7.31 -10.16 16.74
N ALA A 403 -8.19 -11.04 17.23
CA ALA A 403 -8.94 -10.78 18.46
C ALA A 403 -8.67 -11.94 19.43
N ALA A 404 -8.29 -11.62 20.66
CA ALA A 404 -8.21 -12.60 21.74
C ALA A 404 -9.39 -12.42 22.67
N ASN A 405 -10.13 -13.51 22.86
CA ASN A 405 -11.28 -13.58 23.76
C ASN A 405 -12.50 -12.87 23.23
N ASP A 406 -12.49 -12.61 21.93
CA ASP A 406 -13.73 -12.25 21.27
C ASP A 406 -13.53 -12.47 19.78
N VAL A 407 -14.61 -12.30 19.02
CA VAL A 407 -14.62 -12.43 17.57
C VAL A 407 -15.27 -11.19 16.99
N ILE A 408 -14.94 -10.89 15.73
CA ILE A 408 -15.59 -9.82 14.92
C ILE A 408 -15.23 -8.38 15.32
N VAL A 409 -15.25 -8.11 16.61
CA VAL A 409 -15.24 -6.74 17.13
C VAL A 409 -14.03 -5.95 16.69
N HIS A 410 -12.91 -6.61 16.46
CA HIS A 410 -11.68 -5.87 16.12
C HIS A 410 -11.76 -5.11 14.80
N ILE A 411 -12.70 -5.47 13.91
CA ILE A 411 -12.79 -4.78 12.60
C ILE A 411 -13.78 -3.63 12.60
N THR A 412 -14.34 -3.32 13.76
CA THR A 412 -15.36 -2.29 13.90
C THR A 412 -14.83 -1.03 14.62
N LEU A 413 -13.55 -1.03 14.96
CA LEU A 413 -12.97 0.02 15.81
C LEU A 413 -12.19 1.06 14.98
N HIS A 414 -12.45 2.34 15.21
CA HIS A 414 -11.84 3.39 14.39
C HIS A 414 -10.33 3.33 14.41
N SER A 415 -9.77 2.83 15.50
CA SER A 415 -8.34 2.94 15.73
C SER A 415 -7.56 1.71 15.26
N LEU A 416 -8.27 0.71 14.75
CA LEU A 416 -7.62 -0.53 14.29
C LEU A 416 -7.86 -0.73 12.81
N PRO A 417 -6.86 -0.38 11.98
CA PRO A 417 -7.03 -0.59 10.54
C PRO A 417 -7.44 -2.01 10.20
N PHE A 418 -8.34 -2.15 9.23
CA PHE A 418 -8.89 -3.44 8.85
C PHE A 418 -8.34 -3.88 7.50
N GLY A 419 -7.62 -5.01 7.51
CA GLY A 419 -7.16 -5.55 6.24
C GLY A 419 -6.43 -6.86 6.45
N GLY A 420 -6.07 -7.47 5.34
CA GLY A 420 -5.48 -8.82 5.33
C GLY A 420 -3.98 -8.77 5.10
N VAL A 421 -3.44 -9.96 4.88
CA VAL A 421 -2.04 -10.14 4.52
C VAL A 421 -1.95 -11.40 3.70
N GLY A 422 -1.01 -11.43 2.78
CA GLY A 422 -0.90 -12.62 1.92
C GLY A 422 -2.20 -12.86 1.17
N ASN A 423 -2.66 -14.11 1.20
CA ASN A 423 -3.88 -14.45 0.44
C ASN A 423 -5.13 -13.76 0.96
N SER A 424 -5.11 -13.24 2.19
CA SER A 424 -6.27 -12.55 2.70
C SER A 424 -6.29 -11.07 2.30
N GLY A 425 -5.27 -10.61 1.59
CA GLY A 425 -5.34 -9.28 0.98
C GLY A 425 -4.18 -8.38 1.29
N MET A 426 -4.30 -7.15 0.79
CA MET A 426 -3.25 -6.14 0.96
C MET A 426 -3.91 -4.80 1.09
N GLY A 427 -3.24 -3.90 1.77
CA GLY A 427 -3.83 -2.60 2.13
C GLY A 427 -4.82 -2.73 3.28
N SER A 428 -5.36 -1.61 3.67
CA SER A 428 -6.28 -1.57 4.81
C SER A 428 -7.10 -0.29 4.77
N TYR A 429 -8.19 -0.27 5.51
CA TYR A 429 -8.99 0.96 5.62
C TYR A 429 -9.71 0.93 6.96
N HIS A 430 -10.61 1.92 7.14
CA HIS A 430 -11.33 2.31 8.35
C HIS A 430 -10.65 3.48 9.04
N GLY A 431 -11.49 4.46 9.41
CA GLY A 431 -11.01 5.61 10.18
C GLY A 431 -9.97 6.41 9.42
N LYS A 432 -8.97 6.85 10.15
CA LYS A 432 -7.88 7.63 9.53
C LYS A 432 -7.21 6.86 8.38
N LYS A 433 -7.12 5.53 8.54
CA LYS A 433 -6.50 4.75 7.49
C LYS A 433 -7.27 4.82 6.17
N SER A 434 -8.59 5.00 6.21
CA SER A 434 -9.32 5.22 4.94
C SER A 434 -8.87 6.51 4.27
N PHE A 435 -8.76 7.57 5.06
CA PHE A 435 -8.33 8.84 4.48
C PHE A 435 -6.94 8.68 3.84
N GLU A 436 -6.02 8.02 4.56
CA GLU A 436 -4.68 7.78 4.00
C GLU A 436 -4.69 6.88 2.74
N THR A 437 -5.44 5.77 2.79
CA THR A 437 -5.54 4.84 1.66
C THR A 437 -6.01 5.52 0.37
N PHE A 438 -6.95 6.45 0.51
CA PHE A 438 -7.51 7.11 -0.66
C PHE A 438 -6.88 8.45 -0.98
N SER A 439 -5.73 8.72 -0.34
CA SER A 439 -4.96 9.92 -0.69
C SER A 439 -3.61 9.53 -1.20
N HIS A 440 -2.98 10.49 -1.86
CA HIS A 440 -1.53 10.44 -2.04
C HIS A 440 -0.92 11.32 -0.98
N ARG A 441 0.03 10.77 -0.23
CA ARG A 441 0.79 11.47 0.80
C ARG A 441 2.11 11.89 0.16
N ARG A 442 2.21 13.19 -0.09
CA ARG A 442 3.29 13.76 -0.92
C ARG A 442 4.30 14.45 -0.04
N SER A 443 5.54 13.96 -0.06
CA SER A 443 6.63 14.61 0.69
C SER A 443 7.02 15.95 0.04
N CYS A 444 7.07 16.99 0.88
CA CYS A 444 7.37 18.35 0.45
C CYS A 444 8.52 18.97 1.21
N LEU A 445 9.46 19.53 0.45
CA LEU A 445 10.55 20.30 1.05
C LEU A 445 10.52 21.70 0.44
N VAL A 446 10.41 22.71 1.28
CA VAL A 446 10.39 24.10 0.80
C VAL A 446 11.60 24.84 1.43
N ARG A 447 12.54 25.25 0.59
CA ARG A 447 13.76 25.93 1.07
C ARG A 447 13.74 27.40 0.67
N PRO A 448 14.43 28.25 1.46
CA PRO A 448 14.55 29.63 0.98
C PRO A 448 15.41 29.71 -0.29
N LEU A 449 15.07 30.64 -1.18
CA LEU A 449 15.88 30.90 -2.37
C LEU A 449 16.90 32.02 -2.10
N MET A 450 17.80 31.74 -1.18
CA MET A 450 18.84 32.65 -0.76
C MET A 450 20.11 31.85 -0.73
N ASN A 451 21.22 32.47 -1.15
CA ASN A 451 22.52 31.84 -1.07
C ASN A 451 22.79 31.23 0.30
N ASP A 452 23.29 30.01 0.32
CA ASP A 452 23.59 29.32 1.56
C ASP A 452 24.95 28.66 1.46
N GLU A 453 25.89 29.13 2.28
CA GLU A 453 27.26 28.66 2.25
C GLU A 453 27.38 27.19 2.63
N GLY A 454 26.45 26.72 3.46
CA GLY A 454 26.44 25.33 3.91
C GLY A 454 26.20 24.35 2.77
N LEU A 455 25.61 24.83 1.68
CA LEU A 455 25.32 23.99 0.52
C LEU A 455 26.48 23.88 -0.45
N LYS A 456 27.41 24.82 -0.44
CA LYS A 456 28.40 24.86 -1.53
C LYS A 456 29.33 23.63 -1.60
N VAL A 457 29.53 22.95 -0.47
CA VAL A 457 30.28 21.69 -0.45
C VAL A 457 29.79 20.69 -1.51
N ARG A 458 28.48 20.65 -1.76
CA ARG A 458 27.91 19.67 -2.71
C ARG A 458 28.27 19.93 -4.17
N TYR A 459 28.63 21.17 -4.55
CA TYR A 459 28.86 21.47 -5.97
C TYR A 459 30.25 21.06 -6.42
N PRO A 460 30.37 20.53 -7.66
CA PRO A 460 31.71 20.34 -8.20
C PRO A 460 32.37 21.71 -8.38
N PRO A 461 33.71 21.73 -8.45
CA PRO A 461 34.59 20.58 -8.41
C PRO A 461 34.71 19.98 -7.02
N SER A 462 34.87 18.66 -6.95
CA SER A 462 35.04 17.98 -5.68
C SER A 462 36.44 18.25 -5.18
N PRO A 463 36.64 18.21 -3.84
CA PRO A 463 37.97 18.37 -3.28
C PRO A 463 38.86 17.16 -3.54
N ALA A 464 40.14 17.42 -3.81
CA ALA A 464 41.20 16.42 -3.68
C ALA A 464 41.30 15.98 -2.21
N SER B 18 16.32 -25.23 -10.38
CA SER B 18 17.37 -24.29 -10.91
C SER B 18 18.12 -23.56 -9.79
N LYS B 19 19.20 -22.85 -10.15
CA LYS B 19 19.88 -21.87 -9.27
C LYS B 19 18.96 -20.84 -8.59
N ILE B 20 18.08 -20.24 -9.39
CA ILE B 20 17.13 -19.26 -8.87
C ILE B 20 16.20 -19.96 -7.88
N SER B 21 15.62 -21.11 -8.24
CA SER B 21 14.65 -21.71 -7.33
C SER B 21 15.30 -22.15 -6.02
N GLU B 22 16.52 -22.67 -6.10
CA GLU B 22 17.24 -23.04 -4.87
C GLU B 22 17.55 -21.85 -3.95
N ALA B 23 17.95 -20.71 -4.50
CA ALA B 23 18.24 -19.53 -3.68
C ALA B 23 16.99 -19.08 -2.95
N VAL B 24 15.87 -19.03 -3.67
CA VAL B 24 14.64 -18.61 -2.98
C VAL B 24 14.18 -19.63 -1.90
N LYS B 25 14.26 -20.93 -2.24
CA LYS B 25 13.92 -22.00 -1.30
C LYS B 25 14.75 -21.87 -0.01
N ARG B 26 16.06 -21.66 -0.16
CA ARG B 26 16.93 -21.50 1.03
C ARG B 26 16.59 -20.28 1.86
N ALA B 27 16.25 -19.17 1.19
CA ALA B 27 15.86 -17.95 1.87
C ALA B 27 14.57 -18.15 2.66
N ARG B 28 13.61 -18.82 2.06
CA ARG B 28 12.37 -19.09 2.75
C ARG B 28 12.56 -20.03 3.91
N ALA B 29 13.39 -21.07 3.73
CA ALA B 29 13.62 -21.97 4.83
C ALA B 29 14.34 -21.26 5.96
N ALA B 30 15.30 -20.40 5.62
CA ALA B 30 16.00 -19.68 6.70
C ALA B 30 15.04 -18.72 7.43
N PHE B 31 14.16 -18.07 6.67
CA PHE B 31 13.15 -17.22 7.33
C PHE B 31 12.24 -18.03 8.28
N SER B 32 11.78 -19.19 7.80
CA SER B 32 10.89 -20.02 8.62
C SER B 32 11.56 -20.58 9.87
N SER B 33 12.89 -20.63 9.88
CA SER B 33 13.63 -21.11 11.07
C SER B 33 13.47 -20.15 12.25
N GLY B 34 13.04 -18.90 11.98
CA GLY B 34 12.87 -17.94 13.03
C GLY B 34 14.07 -17.05 13.30
N ARG B 35 15.17 -17.24 12.58
CA ARG B 35 16.43 -16.53 12.92
C ARG B 35 16.35 -15.01 12.82
N THR B 36 15.48 -14.50 11.95
CA THR B 36 15.45 -13.07 11.73
C THR B 36 14.57 -12.36 12.76
N ARG B 37 13.83 -13.11 13.58
CA ARG B 37 12.84 -12.45 14.44
C ARG B 37 13.48 -11.58 15.53
N PRO B 38 14.54 -12.07 16.23
CA PRO B 38 15.12 -11.23 17.29
C PRO B 38 15.77 -9.99 16.69
N LEU B 39 15.56 -8.85 17.37
CA LEU B 39 16.15 -7.60 16.90
C LEU B 39 17.69 -7.70 16.91
N GLN B 40 18.25 -8.47 17.84
CA GLN B 40 19.70 -8.62 17.93
C GLN B 40 20.29 -9.10 16.58
N PHE B 41 19.62 -10.08 15.96
CA PHE B 41 20.10 -10.62 14.71
C PHE B 41 20.04 -9.58 13.61
N ARG B 42 18.93 -8.84 13.55
CA ARG B 42 18.78 -7.82 12.51
C ARG B 42 19.84 -6.74 12.62
N ILE B 43 20.10 -6.32 13.86
CA ILE B 43 21.10 -5.28 14.08
C ILE B 43 22.49 -5.79 13.70
N GLN B 44 22.78 -7.07 14.03
CA GLN B 44 24.06 -7.67 13.55
C GLN B 44 24.20 -7.62 12.03
N GLN B 45 23.15 -7.94 11.29
CA GLN B 45 23.23 -7.92 9.82
C GLN B 45 23.42 -6.50 9.32
N LEU B 46 22.74 -5.52 9.93
CA LEU B 46 22.93 -4.14 9.53
C LEU B 46 24.35 -3.65 9.84
N GLU B 47 24.86 -4.06 11.00
CA GLU B 47 26.26 -3.72 11.35
C GLU B 47 27.23 -4.38 10.40
N ALA B 48 26.91 -5.58 9.89
CA ALA B 48 27.73 -6.22 8.85
C ALA B 48 27.71 -5.41 7.54
N LEU B 49 26.56 -4.84 7.18
CA LEU B 49 26.55 -3.92 6.04
C LEU B 49 27.39 -2.66 6.27
N GLN B 50 27.38 -2.10 7.50
CA GLN B 50 28.29 -0.98 7.79
C GLN B 50 29.74 -1.34 7.56
N ARG B 51 30.11 -2.55 8.00
CA ARG B 51 31.47 -3.06 7.87
C ARG B 51 31.81 -3.28 6.40
N LEU B 52 30.83 -3.78 5.64
CA LEU B 52 31.03 -3.93 4.18
C LEU B 52 31.36 -2.61 3.52
N ILE B 53 30.58 -1.58 3.83
CA ILE B 53 30.82 -0.24 3.27
C ILE B 53 32.21 0.30 3.66
N GLN B 54 32.60 0.12 4.92
CA GLN B 54 33.91 0.55 5.38
C GLN B 54 35.06 -0.21 4.71
N GLU B 55 35.01 -1.54 4.75
CA GLU B 55 36.09 -2.38 4.26
C GLU B 55 36.17 -2.45 2.74
N GLN B 56 35.05 -2.23 2.06
CA GLN B 56 35.03 -2.34 0.61
C GLN B 56 34.93 -0.98 -0.07
N GLU B 57 35.24 0.07 0.67
CA GLU B 57 35.20 1.42 0.14
C GLU B 57 35.86 1.55 -1.24
N GLN B 58 37.11 1.10 -1.38
CA GLN B 58 37.82 1.30 -2.63
C GLN B 58 37.23 0.46 -3.76
N GLU B 59 36.81 -0.76 -3.45
CA GLU B 59 36.17 -1.64 -4.44
C GLU B 59 34.85 -1.03 -4.95
N LEU B 60 34.07 -0.44 -4.03
CA LEU B 60 32.84 0.24 -4.45
C LEU B 60 33.09 1.40 -5.38
N VAL B 61 34.11 2.21 -5.05
CA VAL B 61 34.48 3.33 -5.90
C VAL B 61 34.92 2.82 -7.26
N GLY B 62 35.77 1.78 -7.27
CA GLY B 62 36.24 1.22 -8.54
C GLY B 62 35.12 0.72 -9.42
N ALA B 63 34.10 0.13 -8.81
CA ALA B 63 32.96 -0.34 -9.59
C ALA B 63 32.10 0.80 -10.17
N LEU B 64 31.85 1.83 -9.36
CA LEU B 64 31.12 3.00 -9.83
C LEU B 64 31.91 3.81 -10.86
N ALA B 65 33.25 3.83 -10.70
CA ALA B 65 34.10 4.49 -11.69
C ALA B 65 33.98 3.73 -13.01
N ALA B 66 34.05 2.41 -12.95
CA ALA B 66 33.99 1.63 -14.17
C ALA B 66 32.61 1.68 -14.83
N ASP B 67 31.56 1.64 -14.00
CA ASP B 67 30.22 1.67 -14.57
C ASP B 67 29.77 3.02 -15.10
N LEU B 68 30.04 4.10 -14.36
CA LEU B 68 29.38 5.38 -14.58
C LEU B 68 30.33 6.56 -14.56
N HIS B 69 31.63 6.29 -14.47
CA HIS B 69 32.65 7.38 -14.43
C HIS B 69 32.44 8.28 -13.19
N LYS B 70 32.10 7.64 -12.09
CA LYS B 70 32.10 8.28 -10.77
C LYS B 70 33.51 8.33 -10.24
N ASN B 71 33.73 9.18 -9.24
CA ASN B 71 35.01 9.25 -8.57
C ASN B 71 34.82 8.97 -7.08
N GLU B 72 35.90 8.99 -6.30
CA GLU B 72 35.87 8.61 -4.91
C GLU B 72 34.97 9.57 -4.11
N TRP B 73 34.88 10.82 -4.52
CA TRP B 73 34.08 11.80 -3.80
C TRP B 73 32.59 11.60 -4.06
N ASN B 74 32.18 11.63 -5.32
CA ASN B 74 30.75 11.52 -5.62
C ASN B 74 30.22 10.08 -5.43
N ALA B 75 31.08 9.06 -5.51
CA ALA B 75 30.68 7.70 -5.10
C ALA B 75 30.13 7.70 -3.68
N TYR B 76 30.79 8.43 -2.81
CA TYR B 76 30.40 8.44 -1.43
C TYR B 76 29.30 9.46 -1.21
N TYR B 77 29.54 10.73 -1.57
CA TYR B 77 28.62 11.80 -1.18
C TYR B 77 27.36 11.96 -2.01
N GLU B 78 27.28 11.23 -3.12
CA GLU B 78 26.04 11.25 -3.89
C GLU B 78 25.35 9.90 -3.88
N GLU B 79 25.89 8.94 -3.12
CA GLU B 79 25.36 7.58 -3.13
C GLU B 79 25.57 6.74 -1.85
N VAL B 80 26.83 6.36 -1.58
CA VAL B 80 27.09 5.43 -0.50
C VAL B 80 26.75 6.01 0.89
N VAL B 81 26.97 7.31 1.07
CA VAL B 81 26.72 7.96 2.37
C VAL B 81 25.24 7.76 2.81
N TYR B 82 24.31 7.79 1.85
CA TYR B 82 22.89 7.66 2.20
C TYR B 82 22.52 6.29 2.72
N VAL B 83 23.24 5.28 2.26
CA VAL B 83 23.04 3.91 2.75
C VAL B 83 23.55 3.82 4.18
N LEU B 84 24.74 4.40 4.41
CA LEU B 84 25.31 4.44 5.74
C LEU B 84 24.39 5.17 6.73
N GLU B 85 23.88 6.32 6.32
CA GLU B 85 23.00 7.12 7.20
C GLU B 85 21.74 6.34 7.50
N GLU B 86 21.16 5.68 6.50
CA GLU B 86 19.96 4.87 6.70
C GLU B 86 20.24 3.75 7.71
N ILE B 87 21.37 3.06 7.55
CA ILE B 87 21.71 1.99 8.50
C ILE B 87 21.81 2.51 9.93
N GLU B 88 22.56 3.61 10.10
CA GLU B 88 22.75 4.16 11.45
C GLU B 88 21.41 4.56 12.07
N TYR B 89 20.55 5.19 11.28
CA TYR B 89 19.24 5.63 11.73
C TYR B 89 18.33 4.45 12.10
N MET B 90 18.28 3.46 11.23
CA MET B 90 17.42 2.30 11.51
C MET B 90 17.87 1.45 12.65
N ILE B 91 19.19 1.35 12.87
CA ILE B 91 19.64 0.62 14.04
C ILE B 91 19.18 1.32 15.32
N GLN B 92 19.37 2.64 15.39
CA GLN B 92 18.98 3.36 16.62
C GLN B 92 17.45 3.34 16.90
N LYS B 93 16.64 3.37 15.85
CA LYS B 93 15.17 3.41 16.01
C LYS B 93 14.49 2.05 16.11
N LEU B 94 15.19 0.99 15.74
CA LEU B 94 14.54 -0.30 15.52
C LEU B 94 13.66 -0.75 16.70
N PRO B 95 14.18 -0.67 17.94
CA PRO B 95 13.34 -1.23 18.99
C PRO B 95 12.02 -0.46 19.16
N GLU B 96 12.03 0.87 19.00
CA GLU B 96 10.76 1.64 19.03
C GLU B 96 9.85 1.27 17.90
N TRP B 97 10.41 1.20 16.70
CA TRP B 97 9.56 0.87 15.56
C TRP B 97 8.97 -0.53 15.66
N ALA B 98 9.74 -1.48 16.14
CA ALA B 98 9.27 -2.85 16.22
C ALA B 98 8.26 -3.13 17.34
N ALA B 99 8.24 -2.26 18.36
CA ALA B 99 7.39 -2.46 19.53
C ALA B 99 5.92 -2.48 19.14
N ASP B 100 5.16 -3.26 19.89
CA ASP B 100 3.68 -3.15 19.81
C ASP B 100 3.30 -1.69 20.08
N GLU B 101 2.32 -1.21 19.34
CA GLU B 101 1.93 0.20 19.40
C GLU B 101 0.50 0.30 19.88
N PRO B 102 0.28 0.70 21.16
CA PRO B 102 -1.06 0.92 21.64
C PRO B 102 -1.76 2.02 20.87
N VAL B 103 -3.07 1.86 20.67
CA VAL B 103 -3.85 2.84 19.95
C VAL B 103 -5.00 3.33 20.83
N GLU B 104 -5.72 4.34 20.34
CA GLU B 104 -6.82 4.96 21.11
C GLU B 104 -7.96 3.98 21.40
N LYS B 105 -8.43 3.97 22.64
CA LYS B 105 -9.56 3.12 23.02
C LYS B 105 -10.90 3.85 22.89
N THR B 106 -11.99 3.12 23.09
CA THR B 106 -13.35 3.67 23.07
C THR B 106 -13.94 3.36 24.43
N PRO B 107 -15.07 4.00 24.82
CA PRO B 107 -15.66 3.54 26.10
C PRO B 107 -15.94 2.03 26.14
N GLN B 108 -16.34 1.46 25.02
CA GLN B 108 -16.67 0.03 24.98
C GLN B 108 -15.42 -0.87 25.03
N THR B 109 -14.25 -0.26 24.76
CA THR B 109 -13.01 -1.04 24.79
C THR B 109 -11.98 -0.56 25.83
N GLN B 110 -12.43 0.26 26.78
CA GLN B 110 -11.51 0.85 27.73
C GLN B 110 -10.81 -0.19 28.60
N GLN B 111 -11.47 -1.33 28.82
CA GLN B 111 -10.88 -2.39 29.65
C GLN B 111 -10.13 -3.46 28.85
N ASP B 112 -10.02 -3.26 27.53
CA ASP B 112 -9.27 -4.16 26.64
C ASP B 112 -7.91 -3.56 26.29
N GLU B 113 -7.07 -4.33 25.60
CA GLU B 113 -5.86 -3.78 25.00
C GLU B 113 -6.05 -3.72 23.49
N LEU B 114 -5.71 -2.59 22.89
CA LEU B 114 -5.83 -2.38 21.45
C LEU B 114 -4.47 -1.93 20.99
N TYR B 115 -3.88 -2.62 20.00
CA TYR B 115 -2.55 -2.24 19.54
C TYR B 115 -2.25 -2.75 18.15
N ILE B 116 -1.23 -2.18 17.56
CA ILE B 116 -0.76 -2.60 16.26
C ILE B 116 0.51 -3.41 16.43
N HIS B 117 0.49 -4.67 15.97
CA HIS B 117 1.66 -5.55 16.08
C HIS B 117 2.36 -5.57 14.74
N SER B 118 3.67 -5.31 14.71
CA SER B 118 4.43 -5.34 13.46
C SER B 118 5.15 -6.67 13.31
N GLU B 119 5.09 -7.25 12.11
CA GLU B 119 5.78 -8.51 11.88
C GLU B 119 6.32 -8.55 10.46
N PRO B 120 7.36 -9.36 10.21
CA PRO B 120 7.88 -9.45 8.85
C PRO B 120 6.87 -10.04 7.87
N LEU B 121 7.10 -9.71 6.61
CA LEU B 121 6.33 -10.30 5.50
C LEU B 121 6.82 -11.69 5.11
N GLY B 122 8.15 -11.89 5.17
CA GLY B 122 8.73 -13.20 4.84
C GLY B 122 9.96 -13.02 3.97
N VAL B 123 9.84 -13.36 2.68
CA VAL B 123 10.93 -13.20 1.73
C VAL B 123 10.59 -12.01 0.82
N VAL B 124 11.42 -10.99 0.84
CA VAL B 124 11.24 -9.77 0.05
C VAL B 124 12.20 -9.86 -1.13
N LEU B 125 11.75 -9.49 -2.33
CA LEU B 125 12.60 -9.32 -3.51
C LEU B 125 12.87 -7.85 -3.76
N VAL B 126 14.14 -7.48 -3.87
CA VAL B 126 14.53 -6.12 -4.30
C VAL B 126 15.17 -6.24 -5.67
N ILE B 127 14.56 -5.58 -6.65
CA ILE B 127 15.13 -5.47 -7.99
C ILE B 127 15.76 -4.10 -8.14
N GLY B 128 17.09 -4.08 -8.27
CA GLY B 128 17.80 -2.79 -8.36
C GLY B 128 17.79 -2.23 -9.77
N THR B 129 18.26 -1.00 -9.88
CA THR B 129 18.47 -0.40 -11.17
C THR B 129 19.95 0.03 -11.29
N TRP B 130 20.32 0.58 -12.45
CA TRP B 130 21.74 0.73 -12.79
C TRP B 130 22.33 2.11 -12.50
N ASN B 131 21.50 3.11 -12.27
CA ASN B 131 22.02 4.49 -12.25
C ASN B 131 22.64 4.86 -10.91
N TYR B 132 22.08 4.33 -9.81
CA TYR B 132 22.74 4.39 -8.52
C TYR B 132 22.75 2.95 -8.02
N PRO B 133 23.65 2.12 -8.55
CA PRO B 133 23.53 0.68 -8.38
C PRO B 133 23.86 0.15 -7.01
N PHE B 134 24.49 0.97 -6.18
CA PHE B 134 24.69 0.59 -4.82
C PHE B 134 23.50 1.06 -3.98
N ASN B 135 23.16 2.34 -4.07
CA ASN B 135 22.08 2.84 -3.24
C ASN B 135 20.74 2.13 -3.52
N LEU B 136 20.43 1.93 -4.80
CA LEU B 136 19.06 1.45 -5.16
C LEU B 136 18.94 -0.09 -5.11
N THR B 137 20.01 -0.75 -4.66
CA THR B 137 19.96 -2.14 -4.25
C THR B 137 19.99 -2.23 -2.72
N ILE B 138 20.96 -1.57 -2.11
CA ILE B 138 21.20 -1.77 -0.69
C ILE B 138 20.33 -0.92 0.22
N GLN B 139 19.96 0.29 -0.17
CA GLN B 139 19.11 1.05 0.75
C GLN B 139 17.74 0.37 0.97
N PRO B 140 17.10 -0.14 -0.10
CA PRO B 140 15.86 -0.91 0.15
C PRO B 140 16.14 -2.16 0.99
N MET B 141 17.27 -2.83 0.72
CA MET B 141 17.62 -4.03 1.50
C MET B 141 17.73 -3.73 2.99
N VAL B 142 18.32 -2.57 3.34
CA VAL B 142 18.47 -2.19 4.74
C VAL B 142 17.11 -2.17 5.47
N GLY B 143 16.13 -1.51 4.84
CA GLY B 143 14.77 -1.49 5.39
C GLY B 143 14.17 -2.89 5.53
N ALA B 144 14.32 -3.71 4.49
CA ALA B 144 13.74 -5.05 4.53
C ALA B 144 14.41 -5.95 5.60
N ILE B 145 15.75 -5.82 5.77
CA ILE B 145 16.45 -6.51 6.84
C ILE B 145 15.95 -6.03 8.20
N ALA B 146 15.81 -4.71 8.35
CA ALA B 146 15.39 -4.14 9.64
C ALA B 146 14.01 -4.66 10.06
N ALA B 147 13.15 -4.91 9.07
CA ALA B 147 11.78 -5.42 9.33
C ALA B 147 11.74 -6.93 9.49
N GLY B 148 12.89 -7.60 9.48
CA GLY B 148 12.94 -9.02 9.80
C GLY B 148 12.72 -10.00 8.66
N ASN B 149 12.89 -9.52 7.46
CA ASN B 149 12.67 -10.39 6.29
C ASN B 149 13.97 -11.02 5.80
N ALA B 150 13.82 -12.14 5.12
CA ALA B 150 14.86 -12.58 4.15
C ALA B 150 14.76 -11.65 2.95
N VAL B 151 15.87 -11.41 2.28
CA VAL B 151 15.87 -10.44 1.16
C VAL B 151 16.69 -10.99 0.01
N VAL B 152 16.01 -11.24 -1.10
CA VAL B 152 16.66 -11.67 -2.34
C VAL B 152 16.95 -10.43 -3.18
N LEU B 153 18.18 -10.29 -3.63
CA LEU B 153 18.60 -9.11 -4.42
C LEU B 153 18.82 -9.47 -5.88
N LYS B 154 18.28 -8.65 -6.78
CA LYS B 154 18.54 -8.77 -8.21
C LYS B 154 19.15 -7.45 -8.72
N PRO B 155 20.48 -7.39 -8.77
CA PRO B 155 21.08 -6.17 -9.33
C PRO B 155 20.86 -6.05 -10.82
N SER B 156 20.86 -4.82 -11.30
CA SER B 156 20.81 -4.60 -12.75
C SER B 156 22.12 -4.95 -13.43
N GLU B 157 22.02 -5.68 -14.54
CA GLU B 157 23.20 -6.10 -15.30
CA GLU B 157 23.19 -6.10 -15.32
C GLU B 157 23.85 -4.92 -16.06
N LEU B 158 23.12 -3.82 -16.23
CA LEU B 158 23.70 -2.67 -16.96
C LEU B 158 24.86 -2.02 -16.23
N SER B 159 24.81 -1.99 -14.89
CA SER B 159 25.96 -1.61 -14.10
C SER B 159 26.69 -2.88 -13.73
N GLU B 160 27.45 -3.37 -14.69
CA GLU B 160 28.01 -4.70 -14.62
C GLU B 160 29.03 -4.89 -13.51
N ASN B 161 29.84 -3.87 -13.26
CA ASN B 161 30.89 -3.99 -12.29
C ASN B 161 30.28 -4.02 -10.90
N MET B 162 29.29 -3.15 -10.68
CA MET B 162 28.64 -3.20 -9.36
C MET B 162 27.88 -4.53 -9.17
N ALA B 163 27.27 -5.03 -10.24
CA ALA B 163 26.48 -6.26 -10.08
C ALA B 163 27.37 -7.44 -9.68
N SER B 164 28.53 -7.53 -10.31
CA SER B 164 29.46 -8.60 -10.02
C SER B 164 30.10 -8.41 -8.64
N LEU B 165 30.38 -7.17 -8.29
CA LEU B 165 30.98 -6.89 -6.97
C LEU B 165 29.98 -7.29 -5.89
N LEU B 166 28.72 -6.89 -6.03
CA LEU B 166 27.75 -7.22 -4.97
C LEU B 166 27.54 -8.71 -4.83
N ALA B 167 27.55 -9.45 -5.95
CA ALA B 167 27.41 -10.89 -5.85
C ALA B 167 28.57 -11.53 -5.08
N THR B 168 29.74 -10.91 -5.16
CA THR B 168 30.91 -11.37 -4.41
C THR B 168 30.84 -10.94 -2.94
N ILE B 169 30.60 -9.66 -2.67
CA ILE B 169 30.80 -9.17 -1.31
C ILE B 169 29.60 -9.33 -0.39
N ILE B 170 28.36 -9.30 -0.90
CA ILE B 170 27.24 -9.43 0.03
C ILE B 170 27.34 -10.71 0.89
N PRO B 171 27.59 -11.89 0.26
CA PRO B 171 27.71 -13.12 1.04
C PRO B 171 28.95 -13.22 1.92
N GLN B 172 29.93 -12.33 1.71
CA GLN B 172 31.05 -12.24 2.64
C GLN B 172 30.74 -11.58 3.96
N TYR B 173 29.67 -10.79 3.99
CA TYR B 173 29.31 -10.04 5.17
C TYR B 173 28.00 -10.48 5.79
N LEU B 174 27.01 -10.82 4.95
CA LEU B 174 25.67 -11.13 5.41
C LEU B 174 25.42 -12.61 5.40
N ASP B 175 24.35 -12.99 6.10
CA ASP B 175 23.98 -14.39 6.17
C ASP B 175 23.81 -14.92 4.74
N LYS B 176 24.39 -16.09 4.46
CA LYS B 176 24.37 -16.62 3.09
C LYS B 176 23.00 -17.08 2.60
N ASP B 177 22.21 -17.69 3.47
CA ASP B 177 20.90 -18.26 3.02
C ASP B 177 19.81 -17.19 2.95
N LEU B 178 19.82 -16.24 3.89
CA LEU B 178 18.74 -15.24 3.98
C LEU B 178 18.82 -14.17 2.94
N TYR B 179 20.01 -13.88 2.45
CA TYR B 179 20.25 -12.68 1.65
C TYR B 179 21.02 -12.96 0.36
N PRO B 180 20.44 -13.80 -0.53
CA PRO B 180 21.17 -14.17 -1.74
C PRO B 180 21.09 -13.10 -2.81
N VAL B 181 22.10 -13.13 -3.66
CA VAL B 181 22.22 -12.24 -4.85
C VAL B 181 21.99 -13.07 -6.10
N ILE B 182 21.05 -12.65 -6.96
CA ILE B 182 20.71 -13.37 -8.19
C ILE B 182 21.35 -12.62 -9.36
N ASN B 183 22.21 -13.33 -10.11
CA ASN B 183 22.86 -12.80 -11.31
C ASN B 183 21.99 -12.89 -12.57
N GLY B 184 22.33 -12.07 -13.55
CA GLY B 184 21.76 -12.22 -14.89
C GLY B 184 21.01 -11.02 -15.37
N GLY B 185 20.32 -11.19 -16.49
CA GLY B 185 19.61 -10.10 -17.12
C GLY B 185 18.12 -10.32 -17.09
N VAL B 186 17.42 -9.83 -18.11
CA VAL B 186 15.96 -9.92 -18.13
C VAL B 186 15.39 -11.35 -18.07
N PRO B 187 15.98 -12.34 -18.80
CA PRO B 187 15.47 -13.69 -18.71
C PRO B 187 15.55 -14.24 -17.26
N GLU B 188 16.62 -13.94 -16.55
CA GLU B 188 16.73 -14.42 -15.18
C GLU B 188 15.76 -13.66 -14.27
N THR B 189 15.58 -12.35 -14.50
CA THR B 189 14.59 -11.61 -13.71
C THR B 189 13.17 -12.17 -13.94
N THR B 190 12.81 -12.54 -15.16
CA THR B 190 11.52 -13.13 -15.47
C THR B 190 11.34 -14.46 -14.73
N GLU B 191 12.37 -15.29 -14.71
CA GLU B 191 12.31 -16.56 -14.00
C GLU B 191 12.18 -16.33 -12.50
N LEU B 192 12.92 -15.35 -12.00
CA LEU B 192 12.85 -15.01 -10.59
C LEU B 192 11.45 -14.56 -10.21
N LEU B 193 10.78 -13.79 -11.08
CA LEU B 193 9.43 -13.31 -10.82
C LEU B 193 8.36 -14.39 -10.82
N LYS B 194 8.70 -15.62 -11.23
CA LYS B 194 7.76 -16.74 -11.08
C LYS B 194 7.81 -17.31 -9.67
N GLU B 195 8.85 -17.00 -8.90
CA GLU B 195 8.94 -17.48 -7.51
C GLU B 195 8.00 -16.70 -6.60
N ARG B 196 7.67 -17.30 -5.48
CA ARG B 196 6.73 -16.66 -4.57
C ARG B 196 7.46 -15.82 -3.50
N PHE B 197 7.18 -14.53 -3.56
CA PHE B 197 7.69 -13.58 -2.59
C PHE B 197 6.56 -12.97 -1.77
N ASP B 198 6.92 -12.36 -0.64
CA ASP B 198 5.94 -11.69 0.20
C ASP B 198 5.90 -10.18 0.00
N HIS B 199 6.86 -9.64 -0.74
CA HIS B 199 6.85 -8.22 -1.16
C HIS B 199 7.88 -8.12 -2.26
N ILE B 200 7.63 -7.25 -3.23
CA ILE B 200 8.62 -6.90 -4.24
C ILE B 200 8.78 -5.40 -4.30
N LEU B 201 10.02 -4.93 -4.22
CA LEU B 201 10.34 -3.54 -4.52
C LEU B 201 11.12 -3.49 -5.82
N TYR B 202 10.67 -2.65 -6.73
CA TYR B 202 11.30 -2.46 -8.03
C TYR B 202 11.53 -0.99 -8.26
N THR B 203 12.74 -0.65 -8.67
CA THR B 203 13.07 0.68 -9.18
C THR B 203 13.40 0.53 -10.67
N GLY B 204 12.74 1.33 -11.49
CA GLY B 204 13.00 1.31 -12.93
C GLY B 204 11.94 2.05 -13.73
N SER B 205 11.58 1.48 -14.87
CA SER B 205 10.66 2.15 -15.77
C SER B 205 9.22 1.88 -15.51
N THR B 206 8.38 2.81 -15.94
CA THR B 206 6.95 2.68 -15.83
C THR B 206 6.46 1.42 -16.54
N GLY B 207 7.01 1.17 -17.73
CA GLY B 207 6.59 0.02 -18.51
C GLY B 207 6.88 -1.30 -17.81
N VAL B 208 8.08 -1.41 -17.24
CA VAL B 208 8.42 -2.68 -16.57
C VAL B 208 7.63 -2.79 -15.26
N GLY B 209 7.31 -1.65 -14.61
CA GLY B 209 6.50 -1.70 -13.40
C GLY B 209 5.18 -2.43 -13.61
N LYS B 210 4.57 -2.29 -14.79
CA LYS B 210 3.33 -3.02 -15.12
C LYS B 210 3.59 -4.53 -15.17
N ILE B 211 4.74 -4.92 -15.75
CA ILE B 211 5.10 -6.33 -15.85
C ILE B 211 5.33 -6.90 -14.45
N ILE B 212 5.99 -6.14 -13.58
CA ILE B 212 6.26 -6.59 -12.22
C ILE B 212 4.95 -6.77 -11.45
N MET B 213 4.06 -5.78 -11.56
CA MET B 213 2.81 -5.87 -10.82
C MET B 213 1.96 -7.04 -11.31
N THR B 214 2.00 -7.31 -12.63
CA THR B 214 1.29 -8.44 -13.18
C THR B 214 1.87 -9.76 -12.64
N ALA B 215 3.19 -9.87 -12.59
CA ALA B 215 3.75 -11.08 -12.02
C ALA B 215 3.42 -11.22 -10.53
N ALA B 216 3.42 -10.10 -9.81
CA ALA B 216 3.14 -10.12 -8.38
C ALA B 216 1.70 -10.59 -8.10
N ALA B 217 0.77 -10.23 -9.00
CA ALA B 217 -0.63 -10.56 -8.81
C ALA B 217 -0.84 -12.07 -8.70
N LYS B 218 0.04 -12.85 -9.36
CA LYS B 218 -0.11 -14.30 -9.36
C LYS B 218 -0.01 -14.95 -7.97
N HIS B 219 0.69 -14.28 -7.08
CA HIS B 219 0.85 -14.69 -5.68
C HIS B 219 0.28 -13.68 -4.68
N LEU B 220 -0.50 -12.71 -5.20
CA LEU B 220 -1.00 -11.61 -4.35
C LEU B 220 0.12 -11.00 -3.54
N THR B 221 1.20 -10.69 -4.25
CA THR B 221 2.34 -10.11 -3.58
C THR B 221 2.27 -8.58 -3.65
N PRO B 222 2.36 -7.89 -2.51
CA PRO B 222 2.34 -6.41 -2.55
C PRO B 222 3.61 -5.90 -3.15
N VAL B 223 3.52 -4.74 -3.77
CA VAL B 223 4.62 -4.15 -4.51
C VAL B 223 4.88 -2.72 -4.09
N THR B 224 6.15 -2.35 -4.08
CA THR B 224 6.57 -0.95 -4.04
C THR B 224 7.23 -0.71 -5.37
N LEU B 225 6.71 0.24 -6.16
CA LEU B 225 7.22 0.50 -7.52
C LEU B 225 7.68 1.95 -7.58
N GLU B 226 8.96 2.10 -7.82
CA GLU B 226 9.57 3.40 -7.90
C GLU B 226 9.92 3.62 -9.37
N LEU B 227 9.09 4.37 -10.08
CA LEU B 227 9.09 4.37 -11.54
C LEU B 227 9.54 5.67 -12.15
N GLY B 228 9.04 6.01 -13.32
CA GLY B 228 9.63 7.13 -14.05
C GLY B 228 8.62 8.20 -14.40
N GLY B 229 9.10 9.10 -15.23
CA GLY B 229 8.32 10.24 -15.65
C GLY B 229 9.32 11.33 -16.00
N LYS B 230 8.80 12.50 -16.28
CA LYS B 230 9.67 13.68 -16.52
C LYS B 230 9.34 14.68 -15.43
N SER B 231 10.27 14.89 -14.50
CA SER B 231 10.04 15.79 -13.37
C SER B 231 10.19 17.22 -13.88
N PRO B 232 9.11 17.98 -13.81
CA PRO B 232 9.16 19.37 -14.30
C PRO B 232 9.83 20.28 -13.32
N CYS B 233 10.42 21.35 -13.85
CA CYS B 233 11.03 22.37 -13.02
C CYS B 233 10.56 23.74 -13.49
N TYR B 234 9.57 24.28 -12.77
CA TYR B 234 9.06 25.62 -13.06
C TYR B 234 9.91 26.71 -12.41
N VAL B 235 10.34 27.69 -13.23
CA VAL B 235 11.11 28.82 -12.71
C VAL B 235 10.29 30.10 -12.87
N ASP B 236 9.98 30.70 -11.71
CA ASP B 236 9.16 31.91 -11.61
C ASP B 236 9.98 33.08 -12.15
N LYS B 237 9.29 33.92 -12.90
CA LYS B 237 9.83 35.13 -13.52
C LYS B 237 10.49 36.05 -12.51
N ASN B 238 9.99 36.03 -11.29
CA ASN B 238 10.35 37.05 -10.30
C ASN B 238 11.47 36.63 -9.35
N CYS B 239 11.99 35.41 -9.51
CA CYS B 239 12.94 34.86 -8.54
C CYS B 239 14.42 35.14 -8.89
N ASP B 240 15.28 34.91 -7.89
CA ASP B 240 16.74 35.01 -8.04
C ASP B 240 17.32 33.91 -8.95
N LEU B 241 17.50 34.26 -10.22
CA LEU B 241 17.94 33.29 -11.24
C LEU B 241 19.35 32.75 -11.02
N ASP B 242 20.23 33.55 -10.42
CA ASP B 242 21.58 33.09 -10.11
C ASP B 242 21.56 31.88 -9.18
N VAL B 243 20.79 32.00 -8.10
CA VAL B 243 20.69 30.94 -7.10
C VAL B 243 19.96 29.76 -7.75
N ALA B 244 18.83 30.04 -8.41
CA ALA B 244 18.01 28.96 -9.00
C ALA B 244 18.78 28.12 -10.00
N CYS B 245 19.51 28.78 -10.91
CA CYS B 245 20.14 28.04 -12.00
C CYS B 245 21.32 27.19 -11.55
N ARG B 246 21.99 27.63 -10.50
CA ARG B 246 23.08 26.87 -9.93
C ARG B 246 22.54 25.55 -9.35
N ARG B 247 21.46 25.66 -8.58
CA ARG B 247 20.84 24.48 -7.97
C ARG B 247 20.27 23.55 -9.05
N ILE B 248 19.60 24.10 -10.04
CA ILE B 248 19.08 23.30 -11.17
C ILE B 248 20.20 22.58 -11.90
N ALA B 249 21.25 23.31 -12.26
CA ALA B 249 22.39 22.72 -12.95
C ALA B 249 22.98 21.54 -12.20
N TRP B 250 23.12 21.69 -10.88
CA TRP B 250 23.71 20.66 -10.05
C TRP B 250 22.88 19.39 -10.12
N GLY B 251 21.57 19.53 -9.94
CA GLY B 251 20.67 18.35 -9.95
C GLY B 251 20.53 17.75 -11.32
N LYS B 252 20.50 18.59 -12.35
CA LYS B 252 20.34 18.09 -13.71
C LYS B 252 21.54 17.30 -14.21
N PHE B 253 22.74 17.79 -13.89
CA PHE B 253 23.93 17.27 -14.55
C PHE B 253 24.71 16.30 -13.71
N MET B 254 24.33 16.13 -12.43
CA MET B 254 24.94 15.07 -11.61
C MET B 254 24.69 13.70 -12.29
N ASN B 255 25.66 12.81 -12.15
CA ASN B 255 25.55 11.47 -12.77
C ASN B 255 25.19 11.54 -14.25
N SER B 256 25.76 12.54 -14.95
CA SER B 256 25.46 12.77 -16.36
C SER B 256 23.95 12.72 -16.67
N GLY B 257 23.11 13.28 -15.79
CA GLY B 257 21.68 13.40 -16.10
C GLY B 257 20.86 12.17 -15.68
N GLN B 258 21.54 11.14 -15.17
CA GLN B 258 20.91 9.80 -15.01
C GLN B 258 20.40 9.64 -13.57
N THR B 259 19.40 10.45 -13.24
CA THR B 259 18.82 10.45 -11.90
C THR B 259 17.31 10.46 -12.04
N CYS B 260 16.67 9.62 -11.23
CA CYS B 260 15.21 9.46 -11.27
C CYS B 260 14.45 10.76 -10.94
N VAL B 261 15.04 11.61 -10.08
CA VAL B 261 14.43 12.89 -9.71
C VAL B 261 15.25 14.06 -10.24
N ALA B 262 16.04 13.83 -11.29
CA ALA B 262 16.63 14.99 -12.00
C ALA B 262 15.52 15.94 -12.42
N PRO B 263 15.76 17.26 -12.38
CA PRO B 263 14.81 18.15 -13.05
C PRO B 263 14.94 17.94 -14.55
N ASP B 264 13.93 17.33 -15.17
CA ASP B 264 14.08 16.77 -16.50
C ASP B 264 14.05 17.90 -17.53
N TYR B 265 13.14 18.84 -17.32
CA TYR B 265 12.92 20.00 -18.21
C TYR B 265 12.54 21.21 -17.40
N ILE B 266 12.78 22.38 -18.00
CA ILE B 266 12.40 23.66 -17.39
C ILE B 266 11.16 24.25 -18.08
N LEU B 267 10.24 24.77 -17.27
CA LEU B 267 9.11 25.59 -17.73
C LEU B 267 9.37 27.03 -17.25
N CYS B 268 9.35 27.99 -18.19
CA CYS B 268 9.59 29.40 -17.82
C CYS B 268 8.97 30.34 -18.80
N ASP B 269 8.80 31.57 -18.34
CA ASP B 269 8.36 32.66 -19.20
C ASP B 269 9.43 32.95 -20.26
N PRO B 270 9.00 33.23 -21.51
CA PRO B 270 9.96 33.56 -22.58
C PRO B 270 10.90 34.71 -22.21
N SER B 271 10.41 35.64 -21.38
CA SER B 271 11.19 36.80 -20.97
C SER B 271 12.43 36.47 -20.16
N ILE B 272 12.50 35.26 -19.60
CA ILE B 272 13.68 34.88 -18.80
C ILE B 272 14.49 33.73 -19.39
N GLN B 273 14.10 33.23 -20.56
CA GLN B 273 14.80 32.07 -21.15
C GLN B 273 16.30 32.34 -21.39
N ASN B 274 16.62 33.52 -21.94
CA ASN B 274 18.02 33.87 -22.15
C ASN B 274 18.84 33.95 -20.87
N GLN B 275 18.28 34.58 -19.83
CA GLN B 275 18.97 34.66 -18.54
C GLN B 275 19.19 33.27 -17.94
N ILE B 276 18.19 32.39 -18.05
CA ILE B 276 18.35 31.00 -17.60
C ILE B 276 19.52 30.32 -18.34
N VAL B 277 19.58 30.44 -19.65
CA VAL B 277 20.64 29.83 -20.45
C VAL B 277 22.01 30.32 -19.98
N GLU B 278 22.11 31.65 -19.84
CA GLU B 278 23.36 32.25 -19.42
C GLU B 278 23.84 31.79 -18.04
N LYS B 279 22.92 31.67 -17.09
CA LYS B 279 23.29 31.33 -15.74
C LYS B 279 23.53 29.81 -15.61
N LEU B 280 22.76 29.01 -16.36
CA LEU B 280 23.11 27.57 -16.44
C LEU B 280 24.51 27.38 -16.97
N LYS B 281 24.84 28.11 -18.05
CA LYS B 281 26.17 28.04 -18.64
C LYS B 281 27.23 28.44 -17.64
N LYS B 282 26.99 29.56 -16.94
CA LYS B 282 27.93 30.00 -15.90
C LYS B 282 28.20 28.91 -14.87
N SER B 283 27.13 28.32 -14.33
CA SER B 283 27.32 27.27 -13.33
C SER B 283 27.98 26.01 -13.89
N LEU B 284 27.58 25.61 -15.09
CA LEU B 284 28.22 24.45 -15.73
C LEU B 284 29.72 24.63 -15.89
N LYS B 285 30.13 25.83 -16.27
CA LYS B 285 31.55 26.12 -16.41
C LYS B 285 32.28 26.11 -15.06
N GLU B 286 31.62 26.59 -14.00
CA GLU B 286 32.20 26.52 -12.66
C GLU B 286 32.37 25.06 -12.23
N PHE B 287 31.35 24.25 -12.51
CA PHE B 287 31.36 22.86 -12.06
C PHE B 287 32.41 22.02 -12.78
N TYR B 288 32.43 22.13 -14.11
CA TYR B 288 33.11 21.13 -14.93
C TYR B 288 34.20 21.72 -15.82
N GLY B 289 34.35 23.05 -15.78
CA GLY B 289 35.33 23.71 -16.65
C GLY B 289 34.77 23.99 -18.03
N GLU B 290 35.60 24.54 -18.92
CA GLU B 290 35.14 24.87 -20.27
C GLU B 290 34.85 23.61 -21.06
N ASP B 291 35.59 22.56 -20.74
CA ASP B 291 35.50 21.30 -21.47
C ASP B 291 35.15 20.23 -20.46
N ALA B 292 33.86 19.88 -20.38
CA ALA B 292 33.41 18.94 -19.34
C ALA B 292 34.00 17.55 -19.49
N LYS B 293 34.44 17.24 -20.72
CA LYS B 293 35.08 15.94 -20.96
C LYS B 293 36.38 15.76 -20.15
N LYS B 294 36.94 16.85 -19.66
CA LYS B 294 38.18 16.77 -18.90
C LYS B 294 37.95 16.78 -17.40
N SER B 295 36.69 16.92 -16.96
CA SER B 295 36.37 16.95 -15.54
C SER B 295 36.29 15.56 -14.91
N ARG B 296 37.03 15.32 -13.83
CA ARG B 296 36.85 14.07 -13.09
C ARG B 296 35.45 13.95 -12.45
N ASP B 297 34.71 15.07 -12.37
CA ASP B 297 33.39 15.10 -11.70
C ASP B 297 32.20 14.91 -12.63
N TYR B 298 32.45 14.76 -13.92
CA TYR B 298 31.39 14.61 -14.87
C TYR B 298 31.33 13.15 -15.29
N GLY B 299 30.13 12.60 -15.29
CA GLY B 299 29.95 11.19 -15.59
C GLY B 299 29.88 10.85 -17.06
N ARG B 300 29.47 9.61 -17.29
CA ARG B 300 29.33 9.08 -18.64
C ARG B 300 28.03 8.27 -18.71
N ILE B 301 27.46 8.20 -19.91
CA ILE B 301 26.22 7.44 -20.14
C ILE B 301 26.50 5.97 -19.89
N ILE B 302 25.53 5.28 -19.30
CA ILE B 302 25.75 3.90 -18.89
C ILE B 302 26.10 2.91 -20.00
N SER B 303 25.51 3.08 -21.16
CA SER B 303 25.63 2.04 -22.19
C SER B 303 25.45 2.65 -23.56
N ALA B 304 25.87 1.87 -24.58
CA ALA B 304 25.77 2.31 -25.95
C ALA B 304 24.34 2.55 -26.39
N ARG B 305 23.43 1.65 -26.00
CA ARG B 305 22.01 1.83 -26.30
C ARG B 305 21.49 3.20 -25.78
N HIS B 306 21.83 3.52 -24.54
CA HIS B 306 21.35 4.78 -23.97
C HIS B 306 22.09 6.01 -24.50
N PHE B 307 23.36 5.83 -24.85
CA PHE B 307 24.08 6.90 -25.57
C PHE B 307 23.37 7.26 -26.89
N GLN B 308 23.01 6.26 -27.70
CA GLN B 308 22.37 6.52 -28.95
C GLN B 308 20.98 7.16 -28.72
N ARG B 309 20.29 6.68 -27.69
CA ARG B 309 18.97 7.22 -27.38
C ARG B 309 19.02 8.71 -27.01
N VAL B 310 19.94 9.07 -26.11
CA VAL B 310 19.98 10.47 -25.64
C VAL B 310 20.48 11.37 -26.77
N MET B 311 21.49 10.92 -27.51
CA MET B 311 21.97 11.73 -28.63
C MET B 311 20.85 12.00 -29.61
N GLY B 312 20.00 11.00 -29.82
CA GLY B 312 18.85 11.13 -30.72
C GLY B 312 17.94 12.27 -30.33
N LEU B 313 17.87 12.56 -29.03
CA LEU B 313 16.97 13.62 -28.52
C LEU B 313 17.43 15.06 -28.80
N ILE B 314 18.69 15.19 -29.24
CA ILE B 314 19.24 16.48 -29.62
C ILE B 314 18.90 16.79 -31.07
N GLU B 315 18.72 15.76 -31.88
CA GLU B 315 18.44 15.91 -33.32
C GLU B 315 17.23 16.84 -33.54
N GLY B 316 17.37 17.80 -34.47
CA GLY B 316 16.27 18.70 -34.80
C GLY B 316 16.00 19.84 -33.81
N GLN B 317 16.85 19.97 -32.80
CA GLN B 317 16.62 20.93 -31.71
C GLN B 317 17.49 22.15 -31.83
N LYS B 318 16.99 23.28 -31.33
CA LYS B 318 17.81 24.48 -31.22
C LYS B 318 18.76 24.39 -30.03
N VAL B 319 20.04 24.27 -30.33
CA VAL B 319 21.04 24.05 -29.31
C VAL B 319 21.63 25.36 -28.82
N ALA B 320 21.43 25.65 -27.54
CA ALA B 320 22.00 26.83 -26.89
C ALA B 320 23.41 26.62 -26.31
N TYR B 321 23.73 25.39 -25.93
CA TYR B 321 25.01 25.07 -25.31
C TYR B 321 25.25 23.57 -25.47
N GLY B 322 26.47 23.15 -25.75
CA GLY B 322 26.79 21.72 -25.86
C GLY B 322 26.25 21.12 -27.14
N GLY B 323 25.65 19.94 -27.03
CA GLY B 323 24.99 19.31 -28.18
C GLY B 323 25.80 18.25 -28.88
N THR B 324 27.03 18.00 -28.41
CA THR B 324 27.87 16.96 -29.01
C THR B 324 28.18 15.86 -28.03
N GLY B 325 28.65 14.74 -28.56
CA GLY B 325 29.02 13.60 -27.74
C GLY B 325 30.03 12.74 -28.46
N ASP B 326 30.63 11.81 -27.71
CA ASP B 326 31.67 10.93 -28.18
C ASP B 326 31.20 9.53 -27.89
N ALA B 327 30.81 8.80 -28.94
CA ALA B 327 30.33 7.42 -28.78
C ALA B 327 31.37 6.51 -28.14
N ALA B 328 32.65 6.73 -28.41
CA ALA B 328 33.69 5.83 -27.91
C ALA B 328 33.80 5.81 -26.38
N THR B 329 33.53 6.95 -25.75
CA THR B 329 33.60 7.06 -24.29
C THR B 329 32.21 7.24 -23.67
N ARG B 330 31.18 7.33 -24.50
CA ARG B 330 29.79 7.59 -24.05
C ARG B 330 29.69 8.90 -23.26
N TYR B 331 30.50 9.89 -23.66
CA TYR B 331 30.42 11.25 -23.15
C TYR B 331 29.38 12.03 -23.92
N ILE B 332 28.46 12.71 -23.23
CA ILE B 332 27.60 13.67 -23.88
C ILE B 332 27.82 15.00 -23.19
N ALA B 333 28.17 16.03 -23.96
CA ALA B 333 28.41 17.35 -23.38
C ALA B 333 27.15 17.88 -22.68
N PRO B 334 27.32 18.61 -21.58
CA PRO B 334 26.16 19.28 -20.99
C PRO B 334 25.45 20.16 -22.04
N THR B 335 24.19 19.87 -22.27
CA THR B 335 23.47 20.42 -23.37
C THR B 335 22.21 21.12 -22.92
N ILE B 336 21.99 22.34 -23.42
CA ILE B 336 20.78 23.11 -23.15
C ILE B 336 20.08 23.39 -24.47
N LEU B 337 18.79 23.11 -24.53
CA LEU B 337 17.96 23.36 -25.71
C LEU B 337 16.91 24.42 -25.46
N THR B 338 16.68 25.28 -26.45
CA THR B 338 15.74 26.41 -26.31
C THR B 338 14.53 26.29 -27.20
N ASP B 339 13.45 26.95 -26.78
CA ASP B 339 12.20 27.03 -27.55
C ASP B 339 11.76 25.65 -28.01
N VAL B 340 11.79 24.72 -27.06
CA VAL B 340 11.53 23.33 -27.36
C VAL B 340 10.03 23.06 -27.57
N ASP B 341 9.71 22.42 -28.70
CA ASP B 341 8.37 21.91 -29.02
C ASP B 341 7.99 20.80 -28.02
N PRO B 342 6.93 21.00 -27.22
CA PRO B 342 6.55 19.95 -26.25
C PRO B 342 6.16 18.63 -26.91
N GLN B 343 5.88 18.63 -28.22
CA GLN B 343 5.57 17.39 -28.93
C GLN B 343 6.81 16.69 -29.48
N SER B 344 7.99 17.33 -29.39
CA SER B 344 9.20 16.75 -29.96
C SER B 344 9.76 15.60 -29.10
N PRO B 345 10.60 14.71 -29.66
CA PRO B 345 11.06 13.55 -28.88
C PRO B 345 11.64 13.88 -27.50
N VAL B 346 12.44 14.93 -27.38
CA VAL B 346 13.07 15.26 -26.09
C VAL B 346 12.02 15.60 -25.02
N MET B 347 10.83 15.97 -25.46
CA MET B 347 9.74 16.26 -24.52
C MET B 347 8.66 15.18 -24.47
N GLN B 348 8.95 14.02 -25.06
CA GLN B 348 8.00 12.91 -25.08
C GLN B 348 8.54 11.64 -24.44
N GLU B 349 9.75 11.70 -23.87
CA GLU B 349 10.28 10.61 -23.03
C GLU B 349 11.15 11.15 -21.90
N GLU B 350 11.31 10.35 -20.84
CA GLU B 350 12.24 10.68 -19.77
C GLU B 350 13.65 10.75 -20.36
N ILE B 351 14.33 11.86 -20.12
CA ILE B 351 15.59 12.08 -20.85
C ILE B 351 16.69 11.20 -20.27
N PHE B 352 16.87 11.21 -18.96
CA PHE B 352 17.92 10.42 -18.32
C PHE B 352 19.29 10.65 -18.96
N GLY B 353 19.58 11.92 -19.21
CA GLY B 353 20.85 12.30 -19.79
C GLY B 353 21.04 13.80 -19.68
N PRO B 354 22.22 14.29 -20.07
CA PRO B 354 22.61 15.69 -19.79
C PRO B 354 22.11 16.63 -20.90
N VAL B 355 20.82 16.58 -21.16
CA VAL B 355 20.16 17.38 -22.17
C VAL B 355 18.98 18.06 -21.48
N LEU B 356 19.02 19.39 -21.39
CA LEU B 356 18.05 20.14 -20.63
C LEU B 356 17.20 21.05 -21.51
N PRO B 357 15.98 20.62 -21.87
CA PRO B 357 15.09 21.47 -22.67
C PRO B 357 14.38 22.52 -21.85
N ILE B 358 14.22 23.70 -22.45
CA ILE B 358 13.48 24.80 -21.86
C ILE B 358 12.20 24.98 -22.67
N VAL B 359 11.09 24.88 -21.98
CA VAL B 359 9.79 24.92 -22.64
C VAL B 359 9.07 26.15 -22.15
N CYS B 360 8.53 26.92 -23.09
CA CYS B 360 7.99 28.18 -22.65
C CYS B 360 6.48 28.11 -22.29
N VAL B 361 6.16 28.80 -21.20
CA VAL B 361 4.79 28.98 -20.71
C VAL B 361 4.59 30.46 -20.40
N ARG B 362 3.36 30.95 -20.54
CA ARG B 362 3.05 32.37 -20.38
C ARG B 362 2.72 32.76 -18.94
N SER B 363 2.52 31.78 -18.06
CA SER B 363 2.00 32.04 -16.73
C SER B 363 2.13 30.79 -15.88
N LEU B 364 1.96 30.97 -14.57
CA LEU B 364 1.92 29.85 -13.63
C LEU B 364 0.76 28.94 -14.00
N GLU B 365 -0.37 29.54 -14.36
CA GLU B 365 -1.55 28.76 -14.70
C GLU B 365 -1.32 27.86 -15.90
N GLU B 366 -0.62 28.35 -16.92
CA GLU B 366 -0.27 27.52 -18.06
C GLU B 366 0.68 26.38 -17.66
N ALA B 367 1.60 26.66 -16.76
CA ALA B 367 2.56 25.66 -16.25
C ALA B 367 1.81 24.55 -15.52
N ILE B 368 0.87 24.92 -14.66
CA ILE B 368 0.05 23.93 -13.94
C ILE B 368 -0.74 23.07 -14.92
N GLN B 369 -1.36 23.68 -15.92
CA GLN B 369 -2.09 22.94 -16.92
C GLN B 369 -1.16 22.00 -17.72
N PHE B 370 0.02 22.50 -18.09
CA PHE B 370 1.00 21.70 -18.82
C PHE B 370 1.35 20.44 -18.00
N ILE B 371 1.64 20.63 -16.73
CA ILE B 371 2.02 19.51 -15.85
C ILE B 371 0.88 18.54 -15.70
N ASN B 372 -0.33 19.04 -15.53
CA ASN B 372 -1.50 18.18 -15.30
C ASN B 372 -1.95 17.36 -16.51
N GLN B 373 -1.63 17.83 -17.72
CA GLN B 373 -1.99 17.13 -18.95
C GLN B 373 -1.10 15.93 -19.18
N ARG B 374 0.02 15.90 -18.47
CA ARG B 374 0.98 14.81 -18.60
C ARG B 374 0.82 13.85 -17.41
N GLU B 375 1.54 12.74 -17.46
CA GLU B 375 1.48 11.78 -16.34
C GLU B 375 2.18 12.33 -15.11
N LYS B 376 1.74 11.84 -13.94
CA LYS B 376 2.18 12.41 -12.65
C LYS B 376 3.64 12.04 -12.42
N PRO B 377 4.49 13.06 -12.24
CA PRO B 377 5.93 12.81 -12.16
C PRO B 377 6.39 12.39 -10.79
N LEU B 378 7.58 11.80 -10.75
CA LEU B 378 8.12 11.35 -9.48
C LEU B 378 8.41 12.52 -8.54
N ALA B 379 8.97 13.57 -9.13
CA ALA B 379 9.24 14.84 -8.41
C ALA B 379 8.71 16.00 -9.25
N LEU B 380 8.32 17.04 -8.52
CA LEU B 380 7.95 18.32 -9.13
C LEU B 380 8.77 19.39 -8.42
N TYR B 381 9.38 20.27 -9.23
CA TYR B 381 10.18 21.34 -8.68
C TYR B 381 9.68 22.73 -9.09
N MET B 382 9.85 23.69 -8.17
CA MET B 382 9.52 25.07 -8.52
C MET B 382 10.48 26.00 -7.82
N PHE B 383 10.87 27.06 -8.52
CA PHE B 383 11.76 28.08 -7.98
C PHE B 383 11.01 29.40 -8.01
N SER B 384 10.85 29.95 -6.80
CA SER B 384 10.04 31.16 -6.60
C SER B 384 10.28 31.67 -5.20
N SER B 385 10.31 32.99 -5.02
CA SER B 385 10.36 33.50 -3.65
C SER B 385 8.96 33.90 -3.18
N ASN B 386 7.95 33.60 -3.99
CA ASN B 386 6.56 33.90 -3.65
C ASN B 386 5.84 32.69 -3.04
N ASP B 387 5.46 32.79 -1.77
CA ASP B 387 4.81 31.69 -1.06
C ASP B 387 3.53 31.25 -1.73
N LYS B 388 2.75 32.19 -2.24
CA LYS B 388 1.46 31.87 -2.84
C LYS B 388 1.63 31.07 -4.11
N VAL B 389 2.69 31.35 -4.87
CA VAL B 389 2.99 30.61 -6.08
C VAL B 389 3.29 29.15 -5.73
N ILE B 390 4.12 28.99 -4.71
CA ILE B 390 4.53 27.64 -4.25
C ILE B 390 3.30 26.86 -3.82
N LYS B 391 2.47 27.47 -2.97
CA LYS B 391 1.30 26.77 -2.41
C LYS B 391 0.27 26.44 -3.51
N LYS B 392 0.09 27.34 -4.46
CA LYS B 392 -0.83 27.11 -5.54
C LYS B 392 -0.39 25.97 -6.47
N MET B 393 0.90 25.95 -6.80
CA MET B 393 1.40 24.90 -7.68
C MET B 393 1.24 23.54 -7.00
N ILE B 394 1.59 23.46 -5.72
CA ILE B 394 1.42 22.19 -4.96
C ILE B 394 -0.04 21.83 -4.91
N ALA B 395 -0.89 22.79 -4.59
CA ALA B 395 -2.31 22.49 -4.44
C ALA B 395 -3.00 22.01 -5.69
N GLU B 396 -2.54 22.42 -6.86
CA GLU B 396 -3.22 22.17 -8.10
C GLU B 396 -2.63 21.07 -9.01
N THR B 397 -1.50 20.49 -8.56
CA THR B 397 -0.80 19.41 -9.29
C THR B 397 -0.74 18.20 -8.39
N SER B 398 -0.25 17.09 -8.94
CA SER B 398 0.08 15.90 -8.16
C SER B 398 1.42 15.36 -8.65
N SER B 399 2.27 14.99 -7.72
CA SER B 399 3.56 14.37 -8.03
C SER B 399 3.96 13.48 -6.85
N GLY B 400 4.95 12.61 -7.05
CA GLY B 400 5.40 11.76 -5.95
C GLY B 400 5.80 12.60 -4.74
N GLY B 401 6.76 13.48 -4.97
CA GLY B 401 7.23 14.45 -3.97
C GLY B 401 7.47 15.83 -4.62
N VAL B 402 7.80 16.80 -3.79
CA VAL B 402 8.00 18.19 -4.23
C VAL B 402 9.19 18.82 -3.52
N ALA B 403 9.99 19.56 -4.28
CA ALA B 403 10.94 20.50 -3.64
C ALA B 403 10.74 21.89 -4.25
N ALA B 404 10.63 22.89 -3.36
CA ALA B 404 10.63 24.29 -3.79
C ALA B 404 11.98 24.90 -3.49
N ASN B 405 12.57 25.50 -4.52
CA ASN B 405 13.87 26.20 -4.43
C ASN B 405 15.07 25.30 -4.26
N ASP B 406 14.89 24.00 -4.47
CA ASP B 406 16.06 23.12 -4.59
C ASP B 406 15.61 21.89 -5.37
N VAL B 407 16.57 21.06 -5.75
CA VAL B 407 16.28 19.83 -6.46
C VAL B 407 16.98 18.70 -5.72
N ILE B 408 16.49 17.46 -5.93
CA ILE B 408 17.08 16.20 -5.42
C ILE B 408 16.94 15.95 -3.92
N VAL B 409 17.19 16.99 -3.11
CA VAL B 409 17.43 16.88 -1.68
C VAL B 409 16.25 16.29 -0.88
N HIS B 410 15.06 16.46 -1.41
CA HIS B 410 13.88 15.98 -0.67
C HIS B 410 13.81 14.48 -0.53
N ILE B 411 14.57 13.75 -1.34
CA ILE B 411 14.53 12.29 -1.29
C ILE B 411 15.63 11.71 -0.43
N THR B 412 16.38 12.58 0.28
CA THR B 412 17.51 12.16 1.12
C THR B 412 17.23 12.34 2.62
N LEU B 413 16.00 12.72 2.96
CA LEU B 413 15.71 13.07 4.34
C LEU B 413 14.94 11.91 5.00
N HIS B 414 15.38 11.52 6.20
CA HIS B 414 14.75 10.40 6.93
C HIS B 414 13.26 10.61 7.13
N SER B 415 12.85 11.86 7.24
CA SER B 415 11.49 12.14 7.63
C SER B 415 10.54 12.30 6.47
N LEU B 416 11.05 12.23 5.23
CA LEU B 416 10.19 12.41 4.05
C LEU B 416 10.17 11.12 3.20
N PRO B 417 9.09 10.34 3.31
CA PRO B 417 9.02 9.10 2.50
C PRO B 417 9.21 9.39 1.03
N PHE B 418 9.89 8.46 0.34
CA PHE B 418 10.21 8.63 -1.06
C PHE B 418 9.42 7.68 -1.92
N GLY B 419 8.63 8.21 -2.82
CA GLY B 419 7.93 7.37 -3.79
C GLY B 419 7.10 8.18 -4.75
N GLY B 420 6.50 7.49 -5.70
CA GLY B 420 5.75 8.10 -6.75
C GLY B 420 4.26 8.06 -6.53
N VAL B 421 3.56 8.41 -7.61
CA VAL B 421 2.11 8.32 -7.68
C VAL B 421 1.76 8.19 -9.13
N GLY B 422 0.67 7.49 -9.40
CA GLY B 422 0.30 7.22 -10.79
C GLY B 422 1.43 6.52 -11.55
N ASN B 423 1.75 7.01 -12.74
CA ASN B 423 2.76 6.37 -13.54
C ASN B 423 4.15 6.44 -12.94
N SER B 424 4.40 7.31 -11.96
CA SER B 424 5.72 7.34 -11.32
C SER B 424 5.83 6.32 -10.16
N GLY B 425 4.74 5.61 -9.86
CA GLY B 425 4.84 4.49 -8.92
C GLY B 425 3.82 4.49 -7.83
N MET B 426 3.97 3.47 -6.97
CA MET B 426 3.09 3.26 -5.81
C MET B 426 3.92 2.75 -4.65
N GLY B 427 3.49 3.08 -3.43
CA GLY B 427 4.24 2.76 -2.23
C GLY B 427 5.38 3.75 -2.04
N SER B 428 6.11 3.57 -0.94
CA SER B 428 7.22 4.46 -0.59
C SER B 428 8.14 3.77 0.39
N TYR B 429 9.34 4.35 0.53
CA TYR B 429 10.28 3.82 1.53
C TYR B 429 11.17 4.97 1.96
N HIS B 430 12.18 4.61 2.76
CA HIS B 430 13.13 5.48 3.48
C HIS B 430 12.71 5.64 4.92
N GLY B 431 13.67 5.49 5.82
CA GLY B 431 13.41 5.72 7.24
C GLY B 431 12.32 4.79 7.78
N LYS B 432 11.49 5.33 8.66
CA LYS B 432 10.42 4.56 9.30
C LYS B 432 9.51 3.96 8.23
N LYS B 433 9.30 4.66 7.12
CA LYS B 433 8.47 4.14 6.05
C LYS B 433 9.04 2.85 5.48
N SER B 434 10.36 2.70 5.45
CA SER B 434 10.88 1.39 5.02
C SER B 434 10.45 0.28 5.96
N PHE B 435 10.58 0.51 7.26
CA PHE B 435 10.21 -0.51 8.20
C PHE B 435 8.73 -0.85 8.02
N GLU B 436 7.86 0.13 7.91
CA GLU B 436 6.44 -0.14 7.67
C GLU B 436 6.15 -0.86 6.34
N THR B 437 6.81 -0.44 5.26
CA THR B 437 6.59 -1.05 3.95
C THR B 437 6.92 -2.55 3.97
N PHE B 438 7.99 -2.93 4.67
CA PHE B 438 8.43 -4.30 4.66
C PHE B 438 7.88 -5.11 5.85
N SER B 439 6.88 -4.57 6.53
CA SER B 439 6.21 -5.26 7.62
C SER B 439 4.74 -5.41 7.28
N HIS B 440 4.13 -6.38 7.95
CA HIS B 440 2.68 -6.37 8.08
C HIS B 440 2.33 -5.70 9.41
N ARG B 441 1.42 -4.72 9.39
CA ARG B 441 0.93 -4.03 10.59
C ARG B 441 -0.43 -4.63 10.91
N ARG B 442 -0.45 -5.41 11.98
CA ARG B 442 -1.53 -6.29 12.35
C ARG B 442 -2.33 -5.75 13.52
N SER B 443 -3.57 -5.42 13.27
CA SER B 443 -4.42 -4.85 14.33
C SER B 443 -4.78 -5.91 15.35
N CYS B 444 -4.62 -5.62 16.64
CA CYS B 444 -4.90 -6.61 17.70
C CYS B 444 -5.83 -6.04 18.77
N LEU B 445 -6.85 -6.80 19.13
CA LEU B 445 -7.73 -6.52 20.23
C LEU B 445 -7.62 -7.66 21.22
N VAL B 446 -7.25 -7.39 22.47
CA VAL B 446 -7.11 -8.47 23.45
C VAL B 446 -8.03 -8.12 24.61
N ARG B 447 -9.08 -8.92 24.79
CA ARG B 447 -10.10 -8.68 25.83
C ARG B 447 -9.90 -9.65 26.97
N PRO B 448 -10.30 -9.27 28.19
CA PRO B 448 -10.34 -10.23 29.27
C PRO B 448 -11.42 -11.26 28.98
N LEU B 449 -11.15 -12.51 29.38
CA LEU B 449 -12.18 -13.55 29.22
C LEU B 449 -13.02 -13.68 30.50
N MET B 450 -13.92 -12.74 30.68
CA MET B 450 -14.77 -12.71 31.88
C MET B 450 -16.11 -12.24 31.40
N ASN B 451 -17.18 -12.66 32.07
CA ASN B 451 -18.50 -12.16 31.72
C ASN B 451 -18.51 -10.63 31.69
N ASP B 452 -19.05 -10.07 30.62
CA ASP B 452 -19.18 -8.62 30.55
C ASP B 452 -20.63 -8.31 30.18
N GLU B 453 -21.38 -7.75 31.12
CA GLU B 453 -22.81 -7.51 30.92
C GLU B 453 -23.10 -6.59 29.74
N GLY B 454 -22.16 -5.69 29.45
CA GLY B 454 -22.30 -4.71 28.38
C GLY B 454 -22.32 -5.39 27.04
N LEU B 455 -21.79 -6.61 26.96
CA LEU B 455 -21.78 -7.29 25.66
C LEU B 455 -23.12 -7.92 25.33
N LYS B 456 -23.99 -8.07 26.31
CA LYS B 456 -25.15 -8.92 26.05
C LYS B 456 -26.15 -8.32 25.06
N VAL B 457 -26.12 -6.99 24.91
CA VAL B 457 -27.00 -6.30 23.96
C VAL B 457 -26.84 -6.87 22.55
N ARG B 458 -25.63 -7.36 22.22
CA ARG B 458 -25.38 -7.78 20.85
C ARG B 458 -25.96 -9.15 20.53
N TYR B 459 -26.24 -9.97 21.56
CA TYR B 459 -26.64 -11.34 21.32
C TYR B 459 -28.13 -11.43 20.98
N PRO B 460 -28.49 -12.27 19.99
CA PRO B 460 -29.94 -12.56 19.84
C PRO B 460 -30.48 -13.28 21.08
N PRO B 461 -31.80 -13.25 21.28
CA PRO B 461 -32.77 -12.58 20.39
C PRO B 461 -32.69 -11.07 20.46
N SER B 462 -32.95 -10.44 19.32
CA SER B 462 -32.98 -8.98 19.25
C SER B 462 -34.26 -8.50 19.97
N PRO B 463 -34.27 -7.23 20.37
CA PRO B 463 -35.52 -6.71 20.99
C PRO B 463 -36.69 -6.77 19.99
N ALA B 464 -37.86 -7.17 20.45
CA ALA B 464 -38.99 -7.34 19.55
C ALA B 464 -39.58 -5.99 19.16
N LYS B 465 -39.51 -5.03 20.07
CA LYS B 465 -39.88 -3.66 19.77
C LYS B 465 -38.66 -2.84 19.41
N MET B 466 -38.78 -2.03 18.36
CA MET B 466 -37.72 -1.11 18.00
C MET B 466 -37.80 0.16 18.84
N THR B 467 -36.63 0.76 19.09
CA THR B 467 -36.55 2.07 19.74
C THR B 467 -35.72 3.02 18.87
N GLN B 468 -35.83 4.31 19.15
CA GLN B 468 -35.06 5.33 18.43
C GLN B 468 -33.58 5.01 18.45
N HIS B 469 -32.90 5.39 17.38
CA HIS B 469 -31.47 5.15 17.22
C HIS B 469 -30.64 6.25 17.88
K K C . -15.24 -36.75 11.53
K K D . 32.21 23.31 -4.09
C ACT E . 23.53 27.83 -2.82
O ACT E . 22.88 27.12 -3.64
OXT ACT E . 22.86 28.52 -2.01
CH3 ACT E . 25.02 27.87 -2.86
K K F . 6.14 0.80 17.29
K K G . -29.44 -9.76 24.06
C ACT H . -20.24 -11.90 27.56
O ACT H . -19.34 -11.66 28.39
OXT ACT H . -19.90 -12.36 26.42
CH3 ACT H . -21.64 -11.61 27.94
#